data_6C6Q
#
_entry.id   6C6Q
#
_cell.length_a   48.712
_cell.length_b   135.245
_cell.length_c   139.516
_cell.angle_alpha   90.000
_cell.angle_beta   90.000
_cell.angle_gamma   90.000
#
_symmetry.space_group_name_H-M   'P 21 21 21'
#
loop_
_entity.id
_entity.type
_entity.pdbx_description
1 polymer 'Capsid protein VP1'
2 polymer 'CMRF35-like molecule 1'
3 non-polymer 1,2-ETHANEDIOL
4 non-polymer 'CHLORIDE ION'
5 non-polymer 'MAGNESIUM ION'
6 water water
#
loop_
_entity_poly.entity_id
_entity_poly.type
_entity_poly.pdbx_seq_one_letter_code
_entity_poly.pdbx_strand_id
1 'polypeptide(L)'
;MVDLPVIQPRLCTHARWPAPVYGLLVDPSLPSNPQWQNGRVHVDGTLLGTTPISGSWVSCFAAEAAYKFQSGTGEVATFT
LIEQDGSAYVPGDRAAPLGYPDFSGQLEIEVQTETTKTGDKLKVTTFEMILGPTTNADQAPYQGRVFASVTAAASLDLVD
GRVRAVPRSIYGFQDTIPEYNDGLLVPLAPPIGPFLPGEVLLRFRTYMRQIDTADAAAEAIDCALPQEFVSWFASNAFTV
QSEALLLRYRNTLTGQLLFECKLYNEGYIALSYSGSGPLTFPTDGIFEVVSWVPRLYQLASVG
;
A,B
2 'polypeptide(L)'
;MEDPVTGPEEVSGQEQGSLTVQCRYTSGWKDYKKYWCQGVPQRSCKTLVETDASEQLVKKNRVSIRDNQRDFIFTVTMED
LRMSDAGIYWCGITKGGLDPMFKVTVNIGPVPT
;
D,F
#
# COMPACT_ATOMS: atom_id res chain seq x y z
N MET A 1 29.97 11.66 -18.94
N MET A 1 30.96 9.42 -18.10
CA MET A 1 30.06 10.48 -18.10
CA MET A 1 30.02 10.53 -18.19
C MET A 1 28.69 10.15 -17.51
C MET A 1 28.69 10.16 -17.53
N VAL A 2 27.98 11.18 -17.06
CA VAL A 2 26.66 10.97 -16.47
C VAL A 2 25.70 10.48 -17.55
N ASP A 3 24.96 9.43 -17.25
CA ASP A 3 23.85 8.97 -18.07
C ASP A 3 22.63 8.75 -17.19
N LEU A 4 21.49 8.57 -17.83
CA LEU A 4 20.22 8.40 -17.15
C LEU A 4 19.61 7.05 -17.50
N PRO A 5 18.72 6.52 -16.68
CA PRO A 5 18.08 5.24 -17.02
C PRO A 5 17.14 5.40 -18.20
N VAL A 6 17.22 4.46 -19.14
CA VAL A 6 16.37 4.47 -20.32
C VAL A 6 15.00 3.92 -19.94
N ILE A 7 14.21 4.74 -19.25
CA ILE A 7 12.89 4.34 -18.78
C ILE A 7 11.94 5.51 -18.98
N GLN A 8 10.82 5.25 -19.64
CA GLN A 8 9.82 6.28 -19.83
C GLN A 8 9.25 6.71 -18.48
N PRO A 9 8.96 8.00 -18.29
CA PRO A 9 8.36 8.43 -17.02
C PRO A 9 7.12 7.63 -16.63
N ARG A 10 6.23 7.34 -17.59
CA ARG A 10 5.00 6.63 -17.26
C ARG A 10 5.25 5.22 -16.74
N LEU A 11 6.47 4.68 -16.92
CA LEU A 11 6.83 3.39 -16.39
C LEU A 11 7.67 3.49 -15.12
N CYS A 12 7.85 4.70 -14.59
CA CYS A 12 8.67 4.94 -13.42
C CYS A 12 7.82 5.00 -12.15
N THR A 13 8.50 4.95 -11.02
CA THR A 13 7.87 5.01 -9.70
C THR A 13 7.95 6.43 -9.17
N HIS A 14 6.87 6.88 -8.53
CA HIS A 14 6.86 8.19 -7.92
C HIS A 14 7.67 8.17 -6.62
N ALA A 15 8.35 9.28 -6.34
CA ALA A 15 9.32 9.36 -5.26
C ALA A 15 8.76 9.95 -3.97
N ARG A 16 7.51 10.41 -3.95
CA ARG A 16 6.93 10.99 -2.74
C ARG A 16 5.64 10.32 -2.30
N TRP A 17 5.03 9.48 -3.15
CA TRP A 17 3.84 8.72 -2.82
C TRP A 17 4.00 7.40 -3.57
N PRO A 18 3.77 6.25 -2.92
CA PRO A 18 4.08 4.97 -3.60
C PRO A 18 3.08 4.61 -4.69
N ALA A 19 3.28 5.12 -5.89
CA ALA A 19 2.37 4.88 -7.00
C ALA A 19 3.11 5.17 -8.29
N PRO A 20 2.54 4.79 -9.44
CA PRO A 20 3.18 5.11 -10.71
C PRO A 20 3.20 6.60 -10.96
N VAL A 21 4.24 7.04 -11.68
CA VAL A 21 4.22 8.36 -12.29
C VAL A 21 3.17 8.37 -13.39
N TYR A 22 2.24 9.32 -13.33
CA TYR A 22 1.21 9.45 -14.34
C TYR A 22 1.31 10.71 -15.17
N GLY A 23 1.95 11.75 -14.66
CA GLY A 23 1.95 13.04 -15.34
C GLY A 23 3.33 13.65 -15.36
N LEU A 24 3.55 14.47 -16.39
CA LEU A 24 4.77 15.25 -16.53
C LEU A 24 4.36 16.64 -16.98
N LEU A 25 4.65 17.66 -16.17
CA LEU A 25 4.09 18.98 -16.44
C LEU A 25 4.94 20.04 -15.77
N VAL A 26 4.70 21.28 -16.20
CA VAL A 26 5.10 22.48 -15.47
C VAL A 26 3.82 23.27 -15.17
N ASP A 27 3.86 24.05 -14.10
CA ASP A 27 2.70 24.86 -13.71
C ASP A 27 3.20 26.04 -12.89
N PRO A 28 3.31 27.23 -13.50
CA PRO A 28 3.81 28.40 -12.76
C PRO A 28 2.97 28.79 -11.57
N SER A 29 1.71 28.37 -11.51
CA SER A 29 0.83 28.77 -10.40
C SER A 29 1.09 27.99 -9.13
N LEU A 30 1.88 26.93 -9.18
CA LEU A 30 2.19 26.17 -7.99
C LEU A 30 3.43 26.74 -7.30
N PRO A 31 3.67 26.37 -6.04
CA PRO A 31 4.89 26.84 -5.37
C PRO A 31 6.13 26.52 -6.18
N SER A 32 6.90 27.55 -6.54
CA SER A 32 8.01 27.38 -7.45
C SER A 32 9.25 26.78 -6.77
N ASN A 33 9.31 26.82 -5.45
CA ASN A 33 10.48 26.35 -4.70
C ASN A 33 10.02 25.43 -3.58
N PRO A 34 9.43 24.28 -3.92
CA PRO A 34 8.93 23.37 -2.87
C PRO A 34 10.07 22.83 -2.02
N GLN A 35 9.76 22.63 -0.75
CA GLN A 35 10.73 22.07 0.21
C GLN A 35 10.44 20.59 0.48
N TRP A 36 10.27 19.82 -0.60
CA TRP A 36 10.06 18.39 -0.46
C TRP A 36 11.28 17.74 0.16
N GLN A 37 11.04 16.75 1.02
CA GLN A 37 12.12 16.05 1.70
C GLN A 37 12.42 14.67 1.13
N ASN A 38 11.46 14.05 0.46
CA ASN A 38 11.69 12.83 -0.30
C ASN A 38 11.83 13.15 -1.78
N GLY A 39 12.41 12.21 -2.52
CA GLY A 39 12.71 12.47 -3.91
C GLY A 39 13.78 13.52 -4.13
N ARG A 40 14.65 13.71 -3.14
CA ARG A 40 15.72 14.71 -3.18
C ARG A 40 17.06 14.00 -3.23
N VAL A 41 17.85 14.27 -4.26
CA VAL A 41 19.15 13.63 -4.42
C VAL A 41 20.01 14.52 -5.29
N HIS A 42 21.30 14.57 -4.96
N HIS A 42 21.31 14.59 -4.95
CA HIS A 42 22.27 15.26 -5.80
CA HIS A 42 22.27 15.25 -5.81
C HIS A 42 22.72 14.33 -6.93
C HIS A 42 22.66 14.33 -6.96
N VAL A 43 23.12 14.94 -8.06
CA VAL A 43 23.54 14.15 -9.21
C VAL A 43 24.77 13.33 -8.88
N ASP A 44 25.53 13.69 -7.85
CA ASP A 44 26.67 12.87 -7.43
C ASP A 44 26.27 11.73 -6.51
N GLY A 45 24.96 11.48 -6.35
CA GLY A 45 24.47 10.36 -5.58
C GLY A 45 24.16 10.66 -4.14
N THR A 46 24.38 11.89 -3.68
CA THR A 46 24.11 12.22 -2.28
C THR A 46 22.61 12.34 -2.06
N LEU A 47 22.09 11.52 -1.15
CA LEU A 47 20.68 11.60 -0.77
C LEU A 47 20.45 12.80 0.15
N LEU A 48 19.39 13.54 -0.11
CA LEU A 48 19.03 14.70 0.68
C LEU A 48 17.73 14.45 1.43
N GLY A 49 17.53 15.23 2.48
CA GLY A 49 16.29 15.13 3.25
C GLY A 49 16.12 13.74 3.80
N THR A 50 14.91 13.20 3.65
CA THR A 50 14.57 11.87 4.11
C THR A 50 14.48 10.86 2.96
N THR A 51 15.04 11.20 1.81
CA THR A 51 14.94 10.37 0.62
C THR A 51 15.53 8.98 0.86
N PRO A 52 14.77 7.90 0.66
CA PRO A 52 15.35 6.56 0.69
C PRO A 52 15.74 6.08 -0.70
N ILE A 53 16.52 4.99 -0.73
CA ILE A 53 16.85 4.34 -1.99
C ILE A 53 15.64 3.60 -2.55
N SER A 54 14.99 2.81 -1.71
CA SER A 54 13.89 1.96 -2.15
C SER A 54 12.60 2.74 -2.22
N GLY A 55 11.88 2.62 -3.35
CA GLY A 55 10.59 3.27 -3.49
C GLY A 55 9.55 2.77 -2.51
N SER A 56 9.70 1.54 -2.01
CA SER A 56 8.74 0.99 -1.06
C SER A 56 8.81 1.66 0.31
N TRP A 57 9.85 2.45 0.58
CA TRP A 57 9.95 3.20 1.82
C TRP A 57 9.22 4.54 1.75
N VAL A 58 8.83 4.98 0.55
CA VAL A 58 8.28 6.32 0.38
C VAL A 58 6.93 6.42 1.08
N SER A 59 6.80 7.40 1.97
CA SER A 59 5.57 7.71 2.67
C SER A 59 5.16 6.61 3.65
N CYS A 60 6.12 5.81 4.07
CA CYS A 60 5.91 4.76 5.06
C CYS A 60 6.79 5.05 6.27
N PHE A 61 6.66 4.22 7.29
CA PHE A 61 7.61 4.23 8.39
C PHE A 61 7.52 2.89 9.12
N ALA A 62 8.61 2.56 9.80
CA ALA A 62 8.67 1.39 10.66
C ALA A 62 8.71 1.85 12.11
N ALA A 63 8.23 1.00 13.01
CA ALA A 63 8.15 1.39 14.39
C ALA A 63 7.98 0.18 15.29
N GLU A 64 8.36 0.36 16.55
CA GLU A 64 7.92 -0.49 17.65
C GLU A 64 6.58 0.08 18.12
N ALA A 65 5.51 -0.68 17.95
CA ALA A 65 4.16 -0.22 18.23
C ALA A 65 3.75 -0.63 19.64
N ALA A 66 3.19 0.33 20.38
CA ALA A 66 2.60 0.06 21.69
C ALA A 66 1.17 0.58 21.68
N TYR A 67 0.22 -0.27 22.07
CA TYR A 67 -1.19 0.03 21.96
C TYR A 67 -1.84 0.16 23.33
N LYS A 68 -2.94 0.89 23.37
CA LYS A 68 -3.76 1.02 24.57
C LYS A 68 -5.07 1.69 24.16
N PHE A 69 -6.14 1.31 24.86
CA PHE A 69 -7.47 1.84 24.57
C PHE A 69 -7.72 3.07 25.43
N GLN A 70 -8.26 4.13 24.82
CA GLN A 70 -8.66 5.34 25.53
C GLN A 70 -10.10 5.67 25.13
N SER A 71 -11.00 5.63 26.11
CA SER A 71 -12.39 6.00 25.83
C SER A 71 -12.46 7.38 25.19
N GLY A 72 -13.34 7.52 24.21
CA GLY A 72 -13.48 8.75 23.47
C GLY A 72 -12.49 8.93 22.34
N THR A 73 -11.49 8.07 22.24
CA THR A 73 -10.51 8.09 21.15
C THR A 73 -10.43 6.77 20.43
N GLY A 74 -10.43 5.65 21.16
CA GLY A 74 -10.34 4.34 20.54
C GLY A 74 -9.02 3.66 20.89
N GLU A 75 -8.58 2.73 20.03
CA GLU A 75 -7.27 2.12 20.18
C GLU A 75 -6.21 3.14 19.74
N VAL A 76 -5.29 3.47 20.63
CA VAL A 76 -4.26 4.46 20.36
C VAL A 76 -2.93 3.75 20.21
N ALA A 77 -2.19 4.09 19.14
CA ALA A 77 -0.89 3.50 18.88
C ALA A 77 0.19 4.55 19.13
N THR A 78 1.17 4.18 19.95
CA THR A 78 2.39 4.97 20.11
C THR A 78 3.47 4.28 19.29
N PHE A 79 3.94 4.94 18.23
CA PHE A 79 4.93 4.38 17.33
C PHE A 79 6.30 4.96 17.68
N THR A 80 7.17 4.14 18.23
CA THR A 80 8.57 4.51 18.45
C THR A 80 9.32 4.13 17.18
N LEU A 81 9.73 5.13 16.41
CA LEU A 81 10.16 4.89 15.04
C LEU A 81 11.51 4.20 14.99
N ILE A 82 11.65 3.32 13.99
CA ILE A 82 12.93 2.76 13.58
C ILE A 82 13.08 3.04 12.10
N GLU A 83 14.28 2.79 11.57
CA GLU A 83 14.45 2.83 10.13
C GLU A 83 13.81 1.59 9.53
N GLN A 84 13.34 1.72 8.29
CA GLN A 84 12.50 0.67 7.71
C GLN A 84 13.27 -0.62 7.41
N ASP A 85 14.58 -0.65 7.59
CA ASP A 85 15.34 -1.89 7.49
C ASP A 85 15.57 -2.54 8.85
N GLY A 86 14.91 -2.04 9.90
CA GLY A 86 15.05 -2.59 11.23
C GLY A 86 16.12 -1.94 12.08
N SER A 87 17.05 -1.21 11.47
CA SER A 87 18.10 -0.54 12.24
C SER A 87 17.50 0.61 13.04
N ALA A 88 18.17 0.96 14.13
CA ALA A 88 17.68 2.00 15.02
C ALA A 88 17.64 3.35 14.29
N TYR A 89 16.61 4.13 14.57
CA TYR A 89 16.55 5.52 14.13
C TYR A 89 17.20 6.40 15.17
N VAL A 90 18.17 7.20 14.75
CA VAL A 90 18.90 8.11 15.62
C VAL A 90 18.65 9.53 15.11
N PRO A 91 18.01 10.40 15.88
CA PRO A 91 17.82 11.78 15.42
C PRO A 91 19.15 12.41 15.01
N GLY A 92 19.18 12.99 13.82
CA GLY A 92 20.41 13.54 13.26
C GLY A 92 20.14 14.67 12.31
N ASP A 93 20.82 14.65 11.16
CA ASP A 93 20.81 15.76 10.22
C ASP A 93 19.69 15.67 9.19
N ARG A 94 18.56 15.07 9.54
CA ARG A 94 17.40 15.07 8.66
C ARG A 94 16.14 15.08 9.51
N ALA A 95 15.00 15.27 8.84
CA ALA A 95 13.77 15.59 9.54
C ALA A 95 13.17 14.38 10.25
N ALA A 96 13.44 13.17 9.76
CA ALA A 96 12.71 11.99 10.21
C ALA A 96 13.38 10.74 9.66
N PRO A 97 12.91 9.55 10.00
CA PRO A 97 13.44 8.34 9.33
C PRO A 97 13.24 8.44 7.83
N LEU A 98 14.11 7.75 7.09
CA LEU A 98 14.03 7.77 5.65
C LEU A 98 12.65 7.34 5.17
N GLY A 99 12.12 8.09 4.21
CA GLY A 99 10.85 7.77 3.59
C GLY A 99 9.63 8.29 4.32
N TYR A 100 9.81 8.87 5.50
CA TYR A 100 8.66 9.38 6.24
C TYR A 100 7.90 10.39 5.39
N PRO A 101 6.56 10.42 5.45
CA PRO A 101 5.81 11.38 4.65
C PRO A 101 6.34 12.80 4.82
N ASP A 102 6.47 13.51 3.69
CA ASP A 102 6.95 14.88 3.68
C ASP A 102 5.84 15.84 3.24
N PHE A 103 4.59 15.45 3.45
CA PHE A 103 3.42 16.28 3.17
C PHE A 103 2.51 16.25 4.38
N SER A 104 1.39 16.95 4.29
CA SER A 104 0.48 17.15 5.41
C SER A 104 -0.91 16.63 5.06
N GLY A 105 -1.77 16.67 6.06
CA GLY A 105 -3.08 16.08 5.98
C GLY A 105 -3.24 14.96 6.99
N GLN A 106 -4.32 14.20 6.84
CA GLN A 106 -4.63 13.09 7.72
C GLN A 106 -4.45 11.80 6.93
N LEU A 107 -3.55 10.94 7.39
CA LEU A 107 -3.11 9.77 6.65
C LEU A 107 -3.71 8.52 7.28
N GLU A 108 -4.38 7.71 6.47
CA GLU A 108 -4.72 6.36 6.87
C GLU A 108 -3.53 5.45 6.62
N ILE A 109 -3.13 4.69 7.65
CA ILE A 109 -2.01 3.77 7.55
C ILE A 109 -2.51 2.37 7.86
N GLU A 110 -1.76 1.38 7.36
CA GLU A 110 -2.07 -0.02 7.59
C GLU A 110 -0.85 -0.70 8.18
N VAL A 111 -1.06 -1.41 9.28
CA VAL A 111 0.01 -2.13 9.96
C VAL A 111 -0.46 -3.53 10.30
N GLN A 112 0.48 -4.46 10.32
CA GLN A 112 0.23 -5.78 10.88
C GLN A 112 -0.03 -5.66 12.38
N THR A 113 -1.15 -6.19 12.83
CA THR A 113 -1.47 -6.25 14.25
C THR A 113 -1.72 -7.69 14.66
N GLU A 114 -1.33 -8.02 15.89
CA GLU A 114 -1.61 -9.30 16.49
C GLU A 114 -2.53 -9.09 17.69
N THR A 115 -3.59 -9.88 17.78
CA THR A 115 -4.55 -9.77 18.87
C THR A 115 -4.45 -11.01 19.76
N THR A 116 -4.90 -10.84 21.01
CA THR A 116 -5.00 -11.95 21.95
C THR A 116 -6.41 -12.50 22.03
N LYS A 117 -7.33 -11.99 21.23
CA LYS A 117 -8.72 -12.45 21.27
C LYS A 117 -8.84 -13.85 20.68
N THR A 118 -9.54 -14.73 21.39
CA THR A 118 -9.69 -16.10 20.94
C THR A 118 -10.35 -16.14 19.57
N GLY A 119 -9.94 -17.12 18.76
CA GLY A 119 -10.42 -17.21 17.40
C GLY A 119 -9.85 -16.18 16.46
N ASP A 120 -8.84 -15.44 16.91
CA ASP A 120 -8.25 -14.38 16.11
C ASP A 120 -6.78 -14.28 16.51
N LYS A 121 -5.95 -13.89 15.55
CA LYS A 121 -4.53 -13.74 15.85
C LYS A 121 -3.94 -12.59 15.02
N LEU A 122 -3.79 -12.80 13.72
CA LEU A 122 -3.17 -11.82 12.83
C LEU A 122 -4.23 -11.17 11.97
N LYS A 123 -4.11 -9.86 11.81
CA LYS A 123 -4.93 -9.12 10.85
C LYS A 123 -4.27 -7.76 10.63
N VAL A 124 -4.77 -7.05 9.64
CA VAL A 124 -4.25 -5.73 9.28
C VAL A 124 -5.25 -4.70 9.75
N THR A 125 -4.79 -3.76 10.57
CA THR A 125 -5.62 -2.71 11.13
C THR A 125 -5.30 -1.37 10.47
N THR A 126 -6.34 -0.64 10.11
CA THR A 126 -6.19 0.71 9.57
C THR A 126 -6.24 1.70 10.73
N PHE A 127 -5.19 2.50 10.85
CA PHE A 127 -5.13 3.58 11.83
C PHE A 127 -5.17 4.93 11.10
N GLU A 128 -5.65 5.94 11.81
CA GLU A 128 -5.62 7.31 11.33
C GLU A 128 -4.49 8.05 12.02
N MET A 129 -3.80 8.89 11.28
CA MET A 129 -2.64 9.60 11.81
C MET A 129 -2.56 10.98 11.18
N ILE A 130 -2.60 12.02 12.01
CA ILE A 130 -2.46 13.38 11.52
C ILE A 130 -0.99 13.65 11.25
N LEU A 131 -0.68 14.15 10.05
CA LEU A 131 0.70 14.40 9.66
C LEU A 131 1.14 15.82 9.97
N GLY A 132 0.28 16.79 9.68
CA GLY A 132 0.60 18.21 9.78
C GLY A 132 -0.49 18.97 9.05
N PRO A 133 -0.27 20.26 8.77
CA PRO A 133 0.96 21.05 8.98
C PRO A 133 1.27 21.31 10.44
N THR A 134 0.25 21.75 11.17
CA THR A 134 0.31 21.87 12.62
C THR A 134 -0.73 20.94 13.21
N THR A 135 -0.45 20.41 14.40
CA THR A 135 -1.38 19.49 15.03
C THR A 135 -1.36 19.69 16.55
N ASN A 136 -2.40 19.18 17.19
CA ASN A 136 -2.44 19.07 18.65
C ASN A 136 -2.12 17.65 19.10
N ALA A 137 -1.47 16.86 18.25
CA ALA A 137 -1.08 15.50 18.57
C ALA A 137 0.38 15.38 18.98
N ASP A 138 1.17 16.46 18.86
CA ASP A 138 2.56 16.44 19.26
C ASP A 138 3.34 15.35 18.53
N GLN A 139 3.13 15.27 17.22
CA GLN A 139 3.92 14.36 16.40
C GLN A 139 5.36 14.82 16.43
N ALA A 140 6.28 13.87 16.62
CA ALA A 140 7.71 14.16 16.65
C ALA A 140 8.49 13.02 16.02
N PRO A 141 8.27 12.77 14.72
CA PRO A 141 9.08 11.75 14.03
C PRO A 141 10.56 12.06 14.05
N TYR A 142 10.94 13.34 14.21
CA TYR A 142 12.35 13.67 14.35
C TYR A 142 12.93 13.04 15.61
N GLN A 143 12.18 13.07 16.70
CA GLN A 143 12.57 12.41 17.94
C GLN A 143 12.16 10.94 17.98
N GLY A 144 11.49 10.46 16.94
CA GLY A 144 11.17 9.05 16.82
C GLY A 144 9.89 8.62 17.50
N ARG A 145 8.90 9.50 17.59
CA ARG A 145 7.64 9.17 18.24
C ARG A 145 6.49 9.84 17.50
N VAL A 146 5.50 9.04 17.08
CA VAL A 146 4.27 9.54 16.48
C VAL A 146 3.10 8.73 17.04
N PHE A 147 1.92 9.35 17.00
CA PHE A 147 0.71 8.76 17.55
C PHE A 147 -0.33 8.59 16.46
N ALA A 148 -1.08 7.49 16.54
CA ALA A 148 -2.19 7.23 15.63
C ALA A 148 -3.29 6.58 16.44
N SER A 149 -4.48 6.51 15.83
CA SER A 149 -5.63 5.96 16.54
C SER A 149 -6.63 5.43 15.54
N VAL A 150 -7.46 4.50 16.01
CA VAL A 150 -8.59 3.97 15.25
C VAL A 150 -9.79 3.94 16.18
N THR A 151 -10.93 4.39 15.66
CA THR A 151 -12.17 4.32 16.44
C THR A 151 -12.45 2.88 16.83
N ALA A 152 -12.97 2.70 18.05
CA ALA A 152 -13.26 1.36 18.55
C ALA A 152 -14.07 1.49 19.84
N ALA A 153 -15.11 0.68 19.96
CA ALA A 153 -15.95 0.73 21.16
C ALA A 153 -15.24 0.17 22.38
N ALA A 154 -14.31 -0.76 22.17
CA ALA A 154 -13.55 -1.35 23.26
C ALA A 154 -12.18 -1.77 22.73
N SER A 155 -11.29 -2.13 23.66
CA SER A 155 -9.93 -2.48 23.29
C SER A 155 -9.92 -3.55 22.22
N LEU A 156 -9.04 -3.38 21.23
CA LEU A 156 -8.80 -4.42 20.24
C LEU A 156 -7.86 -5.50 20.75
N ASP A 157 -7.38 -5.38 21.99
CA ASP A 157 -6.52 -6.39 22.60
C ASP A 157 -5.32 -6.70 21.71
N LEU A 158 -4.60 -5.65 21.33
CA LEU A 158 -3.48 -5.78 20.42
C LEU A 158 -2.19 -6.06 21.18
N VAL A 159 -1.35 -6.88 20.57
CA VAL A 159 -0.03 -7.18 21.14
C VAL A 159 0.96 -6.16 20.61
N ASP A 160 1.75 -5.59 21.52
CA ASP A 160 2.79 -4.68 21.10
C ASP A 160 3.85 -5.44 20.31
N GLY A 161 4.36 -4.79 19.26
CA GLY A 161 5.32 -5.44 18.39
C GLY A 161 5.77 -4.50 17.30
N ARG A 162 6.52 -5.06 16.36
CA ARG A 162 7.08 -4.28 15.26
C ARG A 162 6.08 -4.20 14.10
N VAL A 163 6.11 -3.06 13.41
CA VAL A 163 5.20 -2.79 12.31
C VAL A 163 5.95 -2.01 11.24
N ARG A 164 5.40 -2.04 10.02
CA ARG A 164 5.74 -1.08 8.98
C ARG A 164 4.43 -0.48 8.50
N ALA A 165 4.24 0.81 8.77
CA ALA A 165 3.04 1.52 8.37
C ALA A 165 3.14 1.89 6.90
N VAL A 166 2.18 1.43 6.10
CA VAL A 166 2.11 1.77 4.68
C VAL A 166 0.86 2.63 4.46
N PRO A 167 0.88 3.58 3.52
CA PRO A 167 -0.22 4.55 3.42
C PRO A 167 -1.41 3.99 2.66
N ARG A 168 -2.60 4.16 3.24
CA ARG A 168 -3.85 3.74 2.63
C ARG A 168 -4.55 4.87 1.90
N SER A 169 -4.62 6.05 2.49
CA SER A 169 -5.36 7.16 1.91
C SER A 169 -4.93 8.46 2.57
N ILE A 170 -5.24 9.56 1.89
CA ILE A 170 -4.97 10.89 2.42
C ILE A 170 -6.29 11.63 2.54
N TYR A 171 -6.39 12.46 3.57
CA TYR A 171 -7.58 13.25 3.85
C TYR A 171 -7.11 14.65 4.19
N GLY A 172 -7.58 15.65 3.44
CA GLY A 172 -7.14 17.01 3.65
C GLY A 172 -5.68 17.22 3.30
N PHE A 173 -5.27 16.70 2.14
CA PHE A 173 -3.88 16.81 1.71
C PHE A 173 -3.47 18.28 1.56
N GLN A 174 -2.25 18.58 2.03
CA GLN A 174 -1.60 19.85 1.75
C GLN A 174 -0.13 19.56 1.47
N ASP A 175 0.39 20.09 0.37
CA ASP A 175 1.78 19.89 0.02
C ASP A 175 2.66 20.89 0.75
N THR A 176 2.64 20.77 2.07
CA THR A 176 3.55 21.48 2.95
C THR A 176 4.08 20.49 3.98
N ILE A 177 5.31 20.74 4.45
CA ILE A 177 6.00 19.76 5.29
C ILE A 177 5.16 19.45 6.52
N PRO A 178 5.25 18.24 7.07
CA PRO A 178 4.41 17.89 8.23
C PRO A 178 5.02 18.32 9.55
N GLU A 179 4.36 17.99 10.65
CA GLU A 179 4.87 18.26 11.98
C GLU A 179 5.96 17.24 12.29
N TYR A 180 7.22 17.66 12.16
CA TYR A 180 8.34 16.76 12.39
C TYR A 180 8.76 16.70 13.85
N ASN A 181 8.50 17.75 14.63
CA ASN A 181 9.01 17.81 16.00
C ASN A 181 8.16 18.72 16.87
N ASP A 182 6.87 18.44 16.96
CA ASP A 182 5.96 19.15 17.87
C ASP A 182 6.00 20.65 17.64
N GLY A 183 6.17 21.07 16.39
CA GLY A 183 6.24 22.47 16.05
C GLY A 183 7.65 23.04 15.99
N LEU A 184 8.61 22.40 16.64
CA LEU A 184 9.98 22.88 16.59
C LEU A 184 10.57 22.63 15.20
N LEU A 185 11.59 23.43 14.87
CA LEU A 185 12.28 23.29 13.60
C LEU A 185 13.18 22.05 13.62
N VAL A 186 13.31 21.42 12.46
CA VAL A 186 14.18 20.25 12.31
C VAL A 186 15.13 20.50 11.14
N PRO A 187 16.20 19.73 11.00
CA PRO A 187 17.04 19.85 9.80
C PRO A 187 16.24 19.45 8.57
N LEU A 188 16.30 20.30 7.54
CA LEU A 188 15.54 20.11 6.33
C LEU A 188 16.43 20.29 5.11
N ALA A 189 16.15 19.52 4.07
CA ALA A 189 16.71 19.83 2.77
C ALA A 189 16.17 21.18 2.31
N PRO A 190 16.98 22.04 1.72
CA PRO A 190 16.53 23.40 1.39
C PRO A 190 15.46 23.38 0.32
N PRO A 191 14.70 24.46 0.17
CA PRO A 191 13.73 24.53 -0.94
C PRO A 191 14.41 24.24 -2.27
N ILE A 192 13.65 23.64 -3.19
CA ILE A 192 14.16 23.35 -4.51
C ILE A 192 14.40 24.66 -5.26
N GLY A 193 15.59 24.81 -5.82
CA GLY A 193 15.97 26.02 -6.53
C GLY A 193 17.41 26.42 -6.28
N PRO A 194 17.81 27.61 -6.74
CA PRO A 194 16.97 28.58 -7.45
C PRO A 194 16.83 28.27 -8.94
N PHE A 195 16.06 29.10 -9.64
CA PHE A 195 15.88 29.00 -11.08
C PHE A 195 16.26 30.31 -11.73
N LEU A 196 16.64 30.22 -13.01
CA LEU A 196 16.83 31.42 -13.79
C LEU A 196 15.50 32.09 -14.06
N PRO A 197 15.50 33.37 -14.44
CA PRO A 197 14.26 33.99 -14.91
C PRO A 197 13.70 33.22 -16.10
N GLY A 198 12.41 32.91 -16.03
CA GLY A 198 11.76 32.15 -17.07
C GLY A 198 11.85 30.65 -16.90
N GLU A 199 12.59 30.16 -15.91
CA GLU A 199 12.69 28.74 -15.65
C GLU A 199 11.66 28.31 -14.61
N VAL A 200 11.14 27.09 -14.78
CA VAL A 200 10.14 26.54 -13.86
C VAL A 200 10.47 25.07 -13.60
N LEU A 201 10.02 24.58 -12.45
CA LEU A 201 10.29 23.22 -12.03
C LEU A 201 9.53 22.22 -12.88
N LEU A 202 10.22 21.18 -13.36
CA LEU A 202 9.55 20.06 -14.01
C LEU A 202 8.99 19.12 -12.95
N ARG A 203 7.72 18.76 -13.09
CA ARG A 203 7.02 18.00 -12.05
C ARG A 203 6.64 16.62 -12.58
N PHE A 204 7.00 15.59 -11.83
CA PHE A 204 6.53 14.24 -12.05
C PHE A 204 5.36 14.00 -11.10
N ARG A 205 4.20 13.68 -11.66
CA ARG A 205 2.95 13.72 -10.92
C ARG A 205 2.36 12.33 -10.77
N THR A 206 1.86 12.02 -9.58
CA THR A 206 0.96 10.90 -9.37
C THR A 206 -0.28 11.40 -8.63
N TYR A 207 -1.17 10.47 -8.28
CA TYR A 207 -2.41 10.80 -7.61
C TYR A 207 -2.59 9.87 -6.42
N MET A 208 -3.13 10.42 -5.33
CA MET A 208 -3.17 9.77 -4.03
C MET A 208 -4.57 9.28 -3.74
N ARG A 209 -4.69 8.01 -3.35
CA ARG A 209 -5.94 7.51 -2.80
C ARG A 209 -6.44 8.47 -1.73
N GLN A 210 -7.69 8.87 -1.86
CA GLN A 210 -8.21 10.01 -1.11
C GLN A 210 -9.53 9.68 -0.44
N ILE A 211 -9.73 10.28 0.74
CA ILE A 211 -11.03 10.40 1.37
C ILE A 211 -11.48 11.85 1.23
N ASP A 212 -12.68 12.04 0.69
CA ASP A 212 -13.23 13.38 0.48
C ASP A 212 -14.74 13.24 0.45
N THR A 213 -15.42 13.96 1.34
CA THR A 213 -16.86 13.76 1.50
C THR A 213 -17.69 14.45 0.43
N ALA A 214 -17.12 15.42 -0.28
CA ALA A 214 -17.87 16.22 -1.25
C ALA A 214 -17.33 16.17 -2.66
N ASP A 215 -16.03 16.06 -2.86
CA ASP A 215 -15.40 16.30 -4.14
C ASP A 215 -14.68 15.04 -4.62
N ALA A 216 -14.90 14.69 -5.88
CA ALA A 216 -14.30 13.50 -6.49
C ALA A 216 -12.98 13.78 -7.18
N ALA A 217 -12.55 15.05 -7.25
CA ALA A 217 -11.31 15.42 -7.91
C ALA A 217 -10.13 14.65 -7.31
N ALA A 218 -9.26 14.14 -8.17
CA ALA A 218 -8.10 13.40 -7.73
C ALA A 218 -7.07 14.32 -7.08
N GLU A 219 -6.36 13.79 -6.09
CA GLU A 219 -5.38 14.55 -5.32
C GLU A 219 -4.01 14.38 -5.95
N ALA A 220 -3.51 15.44 -6.58
CA ALA A 220 -2.20 15.40 -7.23
C ALA A 220 -1.08 15.64 -6.24
N ILE A 221 0.04 14.95 -6.45
CA ILE A 221 1.28 15.18 -5.70
C ILE A 221 2.44 15.08 -6.67
N ASP A 222 3.36 16.03 -6.58
CA ASP A 222 4.48 16.13 -7.51
C ASP A 222 5.79 15.80 -6.80
N CYS A 223 6.78 15.39 -7.59
CA CYS A 223 8.14 15.22 -7.10
C CYS A 223 9.11 15.65 -8.19
N ALA A 224 10.36 15.90 -7.78
CA ALA A 224 11.34 16.45 -8.70
C ALA A 224 11.95 15.38 -9.61
N LEU A 225 11.97 14.13 -9.16
CA LEU A 225 12.56 13.06 -9.94
C LEU A 225 11.83 11.77 -9.59
N PRO A 226 11.63 10.87 -10.56
CA PRO A 226 11.09 9.55 -10.22
C PRO A 226 12.11 8.78 -9.40
N GLN A 227 11.61 7.78 -8.66
CA GLN A 227 12.48 7.05 -7.75
C GLN A 227 13.60 6.35 -8.50
N GLU A 228 13.33 5.87 -9.71
CA GLU A 228 14.37 5.18 -10.48
C GLU A 228 15.58 6.09 -10.68
N PHE A 229 15.34 7.39 -10.88
CA PHE A 229 16.44 8.34 -11.02
C PHE A 229 17.15 8.54 -9.69
N VAL A 230 16.41 8.59 -8.59
CA VAL A 230 17.02 8.70 -7.27
C VAL A 230 17.99 7.55 -7.05
N SER A 231 17.51 6.31 -7.23
CA SER A 231 18.36 5.14 -7.03
C SER A 231 19.50 5.13 -8.03
N TRP A 232 19.23 5.59 -9.26
CA TRP A 232 20.27 5.62 -10.29
C TRP A 232 21.47 6.45 -9.83
N PHE A 233 21.22 7.68 -9.38
CA PHE A 233 22.33 8.54 -8.97
C PHE A 233 22.97 8.05 -7.68
N ALA A 234 22.16 7.62 -6.71
CA ALA A 234 22.73 7.12 -5.46
C ALA A 234 23.70 5.98 -5.71
N SER A 235 23.40 5.13 -6.69
CA SER A 235 24.24 3.97 -6.97
C SER A 235 25.47 4.34 -7.78
N ASN A 236 25.29 5.10 -8.87
CA ASN A 236 26.40 5.37 -9.79
C ASN A 236 27.43 6.30 -9.16
N ALA A 237 27.00 7.24 -8.33
CA ALA A 237 27.90 8.20 -7.70
C ALA A 237 28.80 8.86 -8.75
N PHE A 238 28.16 9.55 -9.69
CA PHE A 238 28.87 10.20 -10.76
C PHE A 238 29.72 11.35 -10.25
N THR A 239 30.73 11.70 -11.03
CA THR A 239 31.58 12.86 -10.76
C THR A 239 30.98 14.07 -11.46
N VAL A 240 30.68 15.11 -10.69
CA VAL A 240 30.06 16.31 -11.21
C VAL A 240 31.14 17.24 -11.75
N GLN A 241 30.92 17.77 -12.96
CA GLN A 241 31.92 18.57 -13.64
C GLN A 241 31.49 20.01 -13.89
N SER A 242 30.24 20.36 -13.60
CA SER A 242 29.79 21.73 -13.81
C SER A 242 28.66 22.05 -12.84
N GLU A 243 27.69 22.86 -13.27
CA GLU A 243 26.56 23.22 -12.43
C GLU A 243 25.28 22.49 -12.81
N ALA A 244 25.13 22.09 -14.08
CA ALA A 244 23.88 21.47 -14.52
C ALA A 244 24.15 20.64 -15.76
N LEU A 245 23.22 19.74 -16.05
CA LEU A 245 23.27 18.88 -17.23
C LEU A 245 22.16 19.28 -18.19
N LEU A 246 22.52 19.47 -19.45
CA LEU A 246 21.54 19.70 -20.51
C LEU A 246 20.94 18.36 -20.92
N LEU A 247 19.64 18.21 -20.72
CA LEU A 247 18.93 17.01 -21.10
C LEU A 247 18.00 17.29 -22.28
N ARG A 248 17.81 16.27 -23.09
CA ARG A 248 16.80 16.29 -24.14
C ARG A 248 15.75 15.22 -23.82
N TYR A 249 14.48 15.63 -23.82
CA TYR A 249 13.37 14.70 -23.64
C TYR A 249 12.83 14.41 -25.03
N ARG A 250 13.00 13.17 -25.48
CA ARG A 250 12.77 12.81 -26.87
C ARG A 250 11.95 11.53 -26.94
N ASN A 251 11.14 11.42 -28.00
CA ASN A 251 10.41 10.18 -28.26
C ASN A 251 11.34 9.18 -28.90
N THR A 252 11.47 8.00 -28.29
CA THR A 252 12.45 7.02 -28.72
C THR A 252 12.10 6.40 -30.06
N LEU A 253 10.81 6.35 -30.41
CA LEU A 253 10.38 5.68 -31.63
C LEU A 253 10.28 6.62 -32.83
N THR A 254 10.04 7.91 -32.59
CA THR A 254 9.95 8.88 -33.68
C THR A 254 11.17 9.79 -33.76
N GLY A 255 12.03 9.79 -32.75
CA GLY A 255 13.12 10.74 -32.68
C GLY A 255 12.70 12.17 -32.45
N GLN A 256 11.40 12.43 -32.35
CA GLN A 256 10.92 13.79 -32.13
C GLN A 256 11.46 14.35 -30.83
N LEU A 257 12.09 15.51 -30.92
CA LEU A 257 12.53 16.23 -29.72
C LEU A 257 11.33 16.98 -29.13
N LEU A 258 10.99 16.66 -27.88
CA LEU A 258 9.86 17.28 -27.22
C LEU A 258 10.24 18.58 -26.52
N PHE A 259 11.38 18.58 -25.81
CA PHE A 259 11.88 19.80 -25.18
C PHE A 259 13.27 19.52 -24.63
N GLU A 260 14.03 20.58 -24.42
CA GLU A 260 15.29 20.52 -23.69
C GLU A 260 15.08 21.12 -22.31
N CYS A 261 15.90 20.67 -21.36
CA CYS A 261 15.78 21.12 -19.98
C CYS A 261 17.14 21.01 -19.33
N LYS A 262 17.22 21.51 -18.10
CA LYS A 262 18.46 21.53 -17.33
C LYS A 262 18.24 20.74 -16.04
N LEU A 263 19.01 19.67 -15.86
CA LEU A 263 19.06 18.95 -14.60
C LEU A 263 20.17 19.57 -13.76
N TYR A 264 19.79 20.45 -12.84
CA TYR A 264 20.76 21.02 -11.91
C TYR A 264 21.36 19.93 -11.03
N ASN A 265 22.60 20.17 -10.60
CA ASN A 265 23.30 19.17 -9.79
C ASN A 265 22.56 18.89 -8.49
N GLU A 266 21.80 19.87 -7.99
CA GLU A 266 21.10 19.70 -6.73
C GLU A 266 19.85 18.82 -6.86
N GLY A 267 19.57 18.27 -8.03
CA GLY A 267 18.59 17.21 -8.17
C GLY A 267 17.24 17.59 -8.72
N TYR A 268 17.12 18.73 -9.41
CA TYR A 268 15.85 19.17 -9.96
C TYR A 268 16.04 19.62 -11.39
N ILE A 269 14.98 19.49 -12.18
CA ILE A 269 15.00 19.79 -13.61
C ILE A 269 14.21 21.07 -13.84
N ALA A 270 14.77 21.96 -14.66
CA ALA A 270 14.14 23.22 -15.01
C ALA A 270 13.88 23.25 -16.51
N LEU A 271 12.72 23.81 -16.88
CA LEU A 271 12.40 24.14 -18.26
C LEU A 271 12.19 25.64 -18.38
N SER A 272 12.48 26.17 -19.57
CA SER A 272 12.18 27.57 -19.87
C SER A 272 10.76 27.66 -20.37
N TYR A 273 9.90 28.37 -19.63
CA TYR A 273 8.48 28.43 -19.94
C TYR A 273 7.97 29.79 -19.51
N SER A 274 7.38 30.53 -20.47
CA SER A 274 6.92 31.89 -20.21
C SER A 274 5.43 31.98 -19.93
N GLY A 275 4.64 30.95 -20.30
CA GLY A 275 3.22 31.00 -20.08
C GLY A 275 2.85 31.00 -18.60
N SER A 276 1.57 31.26 -18.34
CA SER A 276 1.08 31.31 -16.97
C SER A 276 0.30 30.06 -16.56
N GLY A 277 -0.32 29.37 -17.50
CA GLY A 277 -1.08 28.18 -17.19
C GLY A 277 -0.22 26.94 -17.17
N PRO A 278 -0.79 25.82 -16.72
CA PRO A 278 -0.03 24.56 -16.73
C PRO A 278 0.19 24.05 -18.14
N LEU A 279 1.29 23.33 -18.32
CA LEU A 279 1.63 22.71 -19.59
C LEU A 279 2.07 21.29 -19.32
N THR A 280 1.27 20.33 -19.78
CA THR A 280 1.57 18.92 -19.57
C THR A 280 2.31 18.37 -20.78
N PHE A 281 3.10 17.33 -20.53
CA PHE A 281 3.93 16.74 -21.57
C PHE A 281 3.64 15.25 -21.68
N PRO A 282 3.88 14.65 -22.85
CA PRO A 282 3.71 13.21 -22.97
C PRO A 282 4.69 12.47 -22.06
N THR A 283 4.22 11.35 -21.51
CA THR A 283 4.96 10.61 -20.50
C THR A 283 5.68 9.39 -21.07
N ASP A 284 5.72 9.24 -22.39
CA ASP A 284 6.34 8.09 -23.03
C ASP A 284 7.67 8.46 -23.71
N GLY A 285 8.29 9.56 -23.29
CA GLY A 285 9.59 9.94 -23.83
C GLY A 285 10.73 9.39 -22.98
N ILE A 286 11.94 9.71 -23.41
CA ILE A 286 13.15 9.30 -22.72
C ILE A 286 14.05 10.51 -22.54
N PHE A 287 14.52 10.73 -21.31
CA PHE A 287 15.51 11.77 -21.04
C PHE A 287 16.90 11.27 -21.43
N GLU A 288 17.65 12.08 -22.16
CA GLU A 288 19.00 11.74 -22.57
C GLU A 288 19.93 12.90 -22.26
N VAL A 289 21.12 12.58 -21.78
CA VAL A 289 22.11 13.59 -21.41
C VAL A 289 22.76 14.14 -22.66
N VAL A 290 22.85 15.47 -22.75
CA VAL A 290 23.54 16.12 -23.86
C VAL A 290 24.97 16.42 -23.43
N SER A 291 25.12 17.21 -22.38
CA SER A 291 26.45 17.58 -21.89
C SER A 291 26.28 18.37 -20.60
N TRP A 292 27.41 18.70 -19.97
CA TRP A 292 27.41 19.62 -18.86
C TRP A 292 27.27 21.05 -19.38
N VAL A 293 26.54 21.86 -18.63
CA VAL A 293 26.39 23.28 -18.95
C VAL A 293 26.40 24.09 -17.67
N PRO A 294 26.73 25.37 -17.74
CA PRO A 294 26.72 26.21 -16.55
C PRO A 294 25.30 26.59 -16.15
N ARG A 295 25.18 27.03 -14.89
CA ARG A 295 23.89 27.45 -14.37
C ARG A 295 23.21 28.47 -15.29
N LEU A 296 24.00 29.35 -15.91
CA LEU A 296 23.46 30.43 -16.71
C LEU A 296 23.05 30.01 -18.12
N TYR A 297 23.24 28.74 -18.47
CA TYR A 297 22.84 28.27 -19.80
C TYR A 297 21.37 28.54 -20.02
N GLN A 298 21.06 29.21 -21.15
CA GLN A 298 19.69 29.60 -21.46
C GLN A 298 19.04 28.53 -22.32
N LEU A 299 17.93 27.99 -21.84
CA LEU A 299 17.21 26.94 -22.56
C LEU A 299 16.31 27.53 -23.64
N ALA A 300 15.99 26.69 -24.61
CA ALA A 300 14.94 27.01 -25.57
C ALA A 300 13.59 26.87 -24.90
N SER A 301 12.74 27.87 -25.06
CA SER A 301 11.46 27.88 -24.37
C SER A 301 10.54 26.79 -24.92
N VAL A 302 9.59 26.38 -24.08
CA VAL A 302 8.59 25.39 -24.45
C VAL A 302 7.24 26.09 -24.59
N GLY A 303 6.38 25.52 -25.43
CA GLY A 303 5.05 26.04 -25.63
C GLY A 303 5.01 27.53 -25.95
N MET B 1 30.77 -2.51 -20.28
CA MET B 1 30.98 -2.84 -18.87
C MET B 1 29.68 -3.25 -18.22
N VAL B 2 29.56 -4.54 -17.90
CA VAL B 2 28.41 -5.06 -17.17
C VAL B 2 28.70 -4.96 -15.68
N ASP B 3 27.75 -4.41 -14.92
CA ASP B 3 27.92 -4.24 -13.49
C ASP B 3 26.54 -4.26 -12.84
N LEU B 4 26.54 -4.19 -11.51
CA LEU B 4 25.32 -4.21 -10.71
C LEU B 4 25.23 -2.92 -9.90
N PRO B 5 24.03 -2.51 -9.51
CA PRO B 5 23.91 -1.32 -8.66
C PRO B 5 24.54 -1.56 -7.30
N VAL B 6 25.21 -0.54 -6.80
CA VAL B 6 25.89 -0.62 -5.51
C VAL B 6 24.86 -0.33 -4.42
N ILE B 7 24.00 -1.30 -4.13
CA ILE B 7 22.96 -1.15 -3.12
C ILE B 7 22.96 -2.42 -2.28
N GLN B 8 22.92 -2.25 -0.97
CA GLN B 8 22.79 -3.40 -0.07
C GLN B 8 21.41 -4.03 -0.22
N PRO B 9 21.31 -5.36 -0.14
CA PRO B 9 19.98 -5.98 -0.22
C PRO B 9 18.96 -5.40 0.74
N ARG B 10 19.37 -5.10 1.98
CA ARG B 10 18.42 -4.60 2.97
C ARG B 10 17.83 -3.24 2.60
N LEU B 11 18.45 -2.54 1.65
CA LEU B 11 17.95 -1.26 1.17
C LEU B 11 17.20 -1.40 -0.15
N CYS B 12 16.99 -2.62 -0.62
CA CYS B 12 16.38 -2.86 -1.92
C CYS B 12 14.89 -3.13 -1.78
N THR B 13 14.21 -3.18 -2.92
CA THR B 13 12.79 -3.42 -3.01
C THR B 13 12.54 -4.85 -3.47
N HIS B 14 11.62 -5.53 -2.80
CA HIS B 14 11.27 -6.89 -3.21
C HIS B 14 10.52 -6.85 -4.54
N ALA B 15 10.68 -7.92 -5.32
CA ALA B 15 10.21 -7.93 -6.70
C ALA B 15 8.88 -8.68 -6.89
N ARG B 16 8.33 -9.28 -5.84
CA ARG B 16 7.06 -9.99 -5.95
C ARG B 16 6.00 -9.51 -4.96
N TRP B 17 6.37 -8.71 -3.97
CA TRP B 17 5.43 -8.15 -3.02
C TRP B 17 5.98 -6.77 -2.69
N PRO B 18 5.16 -5.71 -2.74
CA PRO B 18 5.70 -4.36 -2.58
C PRO B 18 6.15 -4.06 -1.14
N ALA B 19 7.40 -4.37 -0.84
CA ALA B 19 7.91 -4.19 0.51
C ALA B 19 9.42 -4.26 0.45
N PRO B 20 10.11 -3.87 1.52
CA PRO B 20 11.57 -3.96 1.53
C PRO B 20 12.04 -5.41 1.44
N VAL B 21 13.27 -5.58 1.00
CA VAL B 21 13.95 -6.86 1.13
C VAL B 21 14.48 -6.95 2.55
N TYR B 22 14.09 -8.01 3.26
CA TYR B 22 14.51 -8.22 4.64
C TYR B 22 15.49 -9.37 4.82
N GLY B 23 15.49 -10.34 3.92
CA GLY B 23 16.26 -11.55 4.13
C GLY B 23 16.97 -11.99 2.86
N LEU B 24 18.12 -12.62 3.06
CA LEU B 24 18.91 -13.20 1.99
C LEU B 24 19.33 -14.60 2.44
N LEU B 25 18.96 -15.62 1.69
CA LEU B 25 19.17 -16.98 2.17
C LEU B 25 19.13 -17.96 1.01
N VAL B 26 19.55 -19.19 1.31
CA VAL B 26 19.27 -20.36 0.50
C VAL B 26 18.53 -21.34 1.38
N ASP B 27 17.71 -22.19 0.77
CA ASP B 27 16.93 -23.18 1.50
C ASP B 27 16.69 -24.38 0.59
N PRO B 28 17.52 -25.42 0.68
CA PRO B 28 17.33 -26.58 -0.20
C PRO B 28 16.01 -27.30 -0.03
N SER B 29 15.29 -27.09 1.08
CA SER B 29 14.02 -27.77 1.30
C SER B 29 12.88 -27.16 0.52
N LEU B 30 13.03 -25.93 0.02
CA LEU B 30 11.97 -25.28 -0.72
C LEU B 30 11.99 -25.70 -2.18
N PRO B 31 10.89 -25.49 -2.92
CA PRO B 31 10.89 -25.78 -4.35
C PRO B 31 12.11 -25.20 -5.04
N SER B 32 12.90 -26.05 -5.70
CA SER B 32 14.18 -25.63 -6.22
C SER B 32 14.05 -24.83 -7.52
N ASN B 33 12.99 -25.08 -8.31
CA ASN B 33 12.79 -24.42 -9.59
C ASN B 33 11.43 -23.71 -9.59
N PRO B 34 11.31 -22.62 -8.83
CA PRO B 34 10.02 -21.92 -8.78
C PRO B 34 9.68 -21.27 -10.12
N GLN B 35 8.38 -21.21 -10.40
CA GLN B 35 7.87 -20.59 -11.62
C GLN B 35 7.29 -19.21 -11.35
N TRP B 36 8.03 -18.39 -10.61
CA TRP B 36 7.60 -17.03 -10.34
C TRP B 36 7.48 -16.26 -11.66
N GLN B 37 6.44 -15.42 -11.74
CA GLN B 37 6.21 -14.65 -12.95
C GLN B 37 6.60 -13.18 -12.84
N ASN B 38 6.72 -12.66 -11.63
CA ASN B 38 7.27 -11.33 -11.38
C ASN B 38 8.70 -11.46 -10.87
N GLY B 39 9.45 -10.35 -10.99
CA GLY B 39 10.87 -10.38 -10.66
C GLY B 39 11.67 -11.27 -11.58
N ARG B 40 11.28 -11.40 -12.84
CA ARG B 40 11.96 -12.24 -13.81
C ARG B 40 12.51 -11.35 -14.92
N VAL B 41 13.83 -11.38 -15.09
CA VAL B 41 14.48 -10.53 -16.09
C VAL B 41 15.76 -11.20 -16.54
N HIS B 42 16.02 -11.13 -17.84
CA HIS B 42 17.29 -11.58 -18.40
CA HIS B 42 17.29 -11.59 -18.40
C HIS B 42 18.36 -10.52 -18.17
N VAL B 43 19.61 -10.96 -18.07
CA VAL B 43 20.70 -10.01 -17.85
C VAL B 43 20.80 -9.02 -19.01
N ASP B 44 20.34 -9.41 -20.20
CA ASP B 44 20.37 -8.51 -21.35
C ASP B 44 19.23 -7.51 -21.34
N GLY B 45 18.39 -7.49 -20.30
CA GLY B 45 17.33 -6.51 -20.15
C GLY B 45 15.95 -7.01 -20.53
N THR B 46 15.82 -8.23 -21.04
CA THR B 46 14.52 -8.74 -21.45
C THR B 46 13.70 -9.10 -20.21
N LEU B 47 12.55 -8.45 -20.06
CA LEU B 47 11.63 -8.79 -18.99
C LEU B 47 10.86 -10.05 -19.34
N LEU B 48 10.61 -10.88 -18.34
CA LEU B 48 9.92 -12.14 -18.52
C LEU B 48 8.66 -12.16 -17.68
N GLY B 49 7.74 -13.06 -18.04
CA GLY B 49 6.51 -13.20 -17.29
C GLY B 49 5.75 -11.89 -17.26
N THR B 50 5.26 -11.52 -16.08
CA THR B 50 4.53 -10.28 -15.88
C THR B 50 5.39 -9.22 -15.20
N THR B 51 6.71 -9.39 -15.22
CA THR B 51 7.61 -8.53 -14.47
C THR B 51 7.47 -7.08 -14.93
N PRO B 52 7.16 -6.14 -14.03
CA PRO B 52 7.21 -4.72 -14.39
C PRO B 52 8.57 -4.09 -14.07
N ILE B 53 8.78 -2.92 -14.64
CA ILE B 53 9.99 -2.15 -14.34
C ILE B 53 9.84 -1.41 -13.01
N SER B 54 8.66 -0.84 -12.76
CA SER B 54 8.42 -0.14 -11.52
C SER B 54 7.97 -1.11 -10.42
N GLY B 55 8.61 -1.02 -9.26
CA GLY B 55 8.21 -1.82 -8.12
C GLY B 55 6.81 -1.53 -7.63
N SER B 56 6.28 -0.33 -7.91
CA SER B 56 4.93 0.01 -7.46
C SER B 56 3.87 -0.78 -8.21
N TRP B 57 4.21 -1.37 -9.36
CA TRP B 57 3.29 -2.23 -10.09
C TRP B 57 3.20 -3.63 -9.50
N VAL B 58 4.14 -4.01 -8.63
CA VAL B 58 4.26 -5.39 -8.20
C VAL B 58 3.05 -5.77 -7.35
N SER B 59 2.40 -6.89 -7.72
CA SER B 59 1.27 -7.44 -6.98
C SER B 59 0.10 -6.48 -6.95
N CYS B 60 0.01 -5.61 -7.96
CA CYS B 60 -1.12 -4.70 -8.15
C CYS B 60 -1.73 -4.94 -9.52
N PHE B 61 -2.86 -4.30 -9.76
CA PHE B 61 -3.44 -4.29 -11.10
C PHE B 61 -4.34 -3.09 -11.23
N ALA B 62 -4.51 -2.64 -12.46
CA ALA B 62 -5.44 -1.57 -12.81
C ALA B 62 -6.60 -2.14 -13.60
N ALA B 63 -7.72 -1.43 -13.58
CA ALA B 63 -8.91 -1.97 -14.22
C ALA B 63 -10.00 -0.90 -14.31
N GLU B 64 -10.93 -1.12 -15.23
CA GLU B 64 -12.22 -0.45 -15.21
C GLU B 64 -13.14 -1.28 -14.31
N ALA B 65 -13.61 -0.69 -13.22
CA ALA B 65 -14.39 -1.40 -12.23
C ALA B 65 -15.88 -1.20 -12.47
N ALA B 66 -16.63 -2.29 -12.46
CA ALA B 66 -18.09 -2.25 -12.49
C ALA B 66 -18.60 -2.92 -11.23
N TYR B 67 -19.42 -2.19 -10.48
CA TYR B 67 -19.87 -2.64 -9.16
C TYR B 67 -21.36 -2.97 -9.18
N LYS B 68 -21.72 -3.95 -8.37
CA LYS B 68 -23.13 -4.27 -8.13
C LYS B 68 -23.22 -4.95 -6.79
N PHE B 69 -24.40 -4.87 -6.18
CA PHE B 69 -24.67 -5.52 -4.91
C PHE B 69 -25.40 -6.83 -5.17
N GLN B 70 -24.92 -7.90 -4.56
CA GLN B 70 -25.50 -9.23 -4.68
C GLN B 70 -25.85 -9.72 -3.28
N SER B 71 -27.14 -9.76 -2.97
CA SER B 71 -27.58 -10.32 -1.70
C SER B 71 -26.91 -11.68 -1.48
N GLY B 72 -26.45 -11.92 -0.25
CA GLY B 72 -25.75 -13.13 0.08
C GLY B 72 -24.27 -13.13 -0.21
N THR B 73 -23.78 -12.14 -0.95
CA THR B 73 -22.35 -12.00 -1.24
C THR B 73 -21.78 -10.67 -0.80
N GLY B 74 -22.57 -9.60 -0.91
CA GLY B 74 -22.10 -8.26 -0.64
C GLY B 74 -21.90 -7.47 -1.92
N GLU B 75 -21.05 -6.46 -1.83
CA GLU B 75 -20.71 -5.68 -3.01
C GLU B 75 -19.77 -6.49 -3.89
N VAL B 76 -20.14 -6.66 -5.15
CA VAL B 76 -19.36 -7.43 -6.11
C VAL B 76 -18.72 -6.46 -7.09
N ALA B 77 -17.43 -6.68 -7.37
CA ALA B 77 -16.68 -5.87 -8.31
C ALA B 77 -16.20 -6.74 -9.46
N THR B 78 -16.51 -6.32 -10.69
CA THR B 78 -15.96 -6.94 -11.90
C THR B 78 -14.89 -6.01 -12.44
N PHE B 79 -13.63 -6.46 -12.39
CA PHE B 79 -12.50 -5.67 -12.84
C PHE B 79 -12.13 -6.09 -14.26
N THR B 80 -12.30 -5.19 -15.21
CA THR B 80 -11.82 -5.37 -16.57
C THR B 80 -10.42 -4.78 -16.63
N LEU B 81 -9.41 -5.65 -16.70
CA LEU B 81 -8.04 -5.23 -16.44
C LEU B 81 -7.50 -4.32 -17.54
N ILE B 82 -6.63 -3.40 -17.11
CA ILE B 82 -5.80 -2.60 -18.01
C ILE B 82 -4.38 -2.65 -17.46
N GLU B 83 -3.43 -2.18 -18.26
CA GLU B 83 -2.07 -2.03 -17.76
C GLU B 83 -2.03 -0.85 -16.79
N GLN B 84 -1.12 -0.91 -15.82
CA GLN B 84 -1.15 0.08 -14.75
C GLN B 84 -0.75 1.48 -15.21
N ASP B 85 -0.22 1.63 -16.42
CA ASP B 85 0.04 2.96 -16.96
C ASP B 85 -1.17 3.54 -17.68
N GLY B 86 -2.30 2.83 -17.68
CA GLY B 86 -3.49 3.28 -18.35
C GLY B 86 -3.71 2.70 -19.73
N SER B 87 -2.72 2.01 -20.28
CA SER B 87 -2.86 1.48 -21.63
C SER B 87 -3.66 0.19 -21.63
N ALA B 88 -4.28 -0.10 -22.77
CA ALA B 88 -5.15 -1.26 -22.88
C ALA B 88 -4.36 -2.55 -22.67
N TYR B 89 -4.98 -3.49 -21.98
CA TYR B 89 -4.42 -4.82 -21.83
C TYR B 89 -4.93 -5.71 -22.96
N VAL B 90 -4.02 -6.39 -23.63
CA VAL B 90 -4.33 -7.29 -24.72
C VAL B 90 -3.75 -8.66 -24.35
N PRO B 91 -4.55 -9.71 -24.22
CA PRO B 91 -3.98 -11.03 -23.97
C PRO B 91 -2.93 -11.38 -25.01
N GLY B 92 -1.73 -11.71 -24.54
CA GLY B 92 -0.60 -11.95 -25.43
C GLY B 92 0.31 -13.03 -24.90
N ASP B 93 1.62 -12.78 -24.95
CA ASP B 93 2.63 -13.78 -24.64
C ASP B 93 3.02 -13.80 -23.17
N ARG B 94 2.09 -13.44 -22.28
CA ARG B 94 2.32 -13.55 -20.85
C ARG B 94 1.01 -13.87 -20.16
N ALA B 95 1.07 -14.06 -18.85
CA ALA B 95 -0.05 -14.62 -18.12
C ALA B 95 -1.10 -13.58 -17.74
N ALA B 96 -0.73 -12.31 -17.65
CA ALA B 96 -1.62 -11.29 -17.12
C ALA B 96 -1.04 -9.92 -17.38
N PRO B 97 -1.71 -8.83 -16.96
CA PRO B 97 -1.08 -7.52 -17.00
C PRO B 97 0.18 -7.50 -16.16
N LEU B 98 1.09 -6.61 -16.51
CA LEU B 98 2.35 -6.50 -15.76
C LEU B 98 2.07 -6.23 -14.30
N GLY B 99 2.83 -6.92 -13.43
CA GLY B 99 2.73 -6.74 -12.00
C GLY B 99 1.67 -7.58 -11.32
N TYR B 100 0.79 -8.22 -12.08
CA TYR B 100 -0.29 -8.99 -11.48
C TYR B 100 0.28 -10.01 -10.49
N PRO B 101 -0.38 -10.24 -9.36
CA PRO B 101 0.13 -11.24 -8.41
C PRO B 101 0.45 -12.55 -9.09
N ASP B 102 1.58 -13.15 -8.70
CA ASP B 102 2.02 -14.44 -9.22
C ASP B 102 2.06 -15.49 -8.11
N PHE B 103 1.27 -15.29 -7.07
CA PHE B 103 1.13 -16.22 -5.96
C PHE B 103 -0.36 -16.48 -5.73
N SER B 104 -0.66 -17.35 -4.78
CA SER B 104 -2.02 -17.77 -4.53
C SER B 104 -2.41 -17.45 -3.08
N GLY B 105 -3.68 -17.69 -2.79
CA GLY B 105 -4.30 -17.30 -1.54
C GLY B 105 -5.44 -16.35 -1.80
N GLN B 106 -5.90 -15.73 -0.72
CA GLN B 106 -6.99 -14.75 -0.78
C GLN B 106 -6.41 -13.39 -0.44
N LEU B 107 -6.49 -12.46 -1.39
CA LEU B 107 -5.85 -11.17 -1.28
C LEU B 107 -6.88 -10.09 -0.96
N GLU B 108 -6.58 -9.26 0.05
CA GLU B 108 -7.32 -8.03 0.26
C GLU B 108 -6.70 -6.94 -0.62
N ILE B 109 -7.55 -6.21 -1.33
CA ILE B 109 -7.10 -5.14 -2.21
C ILE B 109 -7.80 -3.85 -1.82
N GLU B 110 -7.14 -2.74 -2.13
CA GLU B 110 -7.66 -1.41 -1.85
C GLU B 110 -7.79 -0.66 -3.17
N VAL B 111 -8.97 -0.07 -3.38
CA VAL B 111 -9.23 0.70 -4.59
C VAL B 111 -9.91 2.00 -4.20
N GLN B 112 -9.66 3.04 -4.99
CA GLN B 112 -10.41 4.28 -4.87
C GLN B 112 -11.83 4.04 -5.37
N THR B 113 -12.81 4.36 -4.54
CA THR B 113 -14.22 4.24 -4.88
C THR B 113 -14.91 5.59 -4.73
N GLU B 114 -15.80 5.89 -5.66
CA GLU B 114 -16.68 7.04 -5.57
C GLU B 114 -18.09 6.55 -5.31
N THR B 115 -18.76 7.18 -4.35
CA THR B 115 -20.12 6.81 -3.97
C THR B 115 -21.09 7.93 -4.33
N THR B 116 -22.37 7.56 -4.45
CA THR B 116 -23.43 8.52 -4.68
C THR B 116 -24.18 8.90 -3.41
N LYS B 117 -23.87 8.26 -2.28
CA LYS B 117 -24.47 8.62 -1.00
C LYS B 117 -24.09 10.04 -0.62
N THR B 118 -25.02 10.76 0.00
CA THR B 118 -24.77 12.12 0.40
C THR B 118 -23.92 12.15 1.67
N GLY B 119 -23.08 13.17 1.78
CA GLY B 119 -22.12 13.25 2.87
C GLY B 119 -20.93 12.35 2.71
N ASP B 120 -20.93 11.49 1.71
CA ASP B 120 -19.79 10.67 1.33
C ASP B 120 -19.57 10.87 -0.16
N LYS B 121 -18.32 10.83 -0.58
CA LYS B 121 -18.02 10.94 -2.01
C LYS B 121 -16.86 10.02 -2.37
N LEU B 122 -15.65 10.37 -1.96
CA LEU B 122 -14.47 9.56 -2.19
C LEU B 122 -14.05 8.87 -0.92
N LYS B 123 -13.83 7.56 -1.01
CA LYS B 123 -13.16 6.83 0.05
C LYS B 123 -12.42 5.67 -0.58
N VAL B 124 -11.69 4.93 0.23
CA VAL B 124 -10.97 3.74 -0.21
C VAL B 124 -11.71 2.54 0.35
N THR B 125 -11.99 1.57 -0.51
CA THR B 125 -12.76 0.39 -0.15
C THR B 125 -11.88 -0.84 -0.24
N THR B 126 -11.91 -1.66 0.81
CA THR B 126 -11.19 -2.93 0.82
C THR B 126 -12.09 -4.01 0.23
N PHE B 127 -11.59 -4.68 -0.80
CA PHE B 127 -12.25 -5.83 -1.40
C PHE B 127 -11.44 -7.08 -1.14
N GLU B 128 -12.12 -8.22 -1.17
CA GLU B 128 -11.49 -9.53 -1.07
C GLU B 128 -11.47 -10.17 -2.45
N MET B 129 -10.34 -10.77 -2.80
CA MET B 129 -10.16 -11.35 -4.12
C MET B 129 -9.38 -12.65 -4.00
N ILE B 130 -9.97 -13.75 -4.45
CA ILE B 130 -9.29 -15.03 -4.45
C ILE B 130 -8.36 -15.09 -5.66
N LEU B 131 -7.11 -15.47 -5.42
CA LEU B 131 -6.13 -15.55 -6.50
C LEU B 131 -6.02 -16.94 -7.10
N GLY B 132 -6.01 -17.97 -6.25
CA GLY B 132 -5.77 -19.32 -6.70
C GLY B 132 -5.40 -20.17 -5.49
N PRO B 133 -4.77 -21.34 -5.72
CA PRO B 133 -4.33 -21.87 -7.01
C PRO B 133 -5.48 -22.25 -7.94
N THR B 134 -6.49 -22.91 -7.37
CA THR B 134 -7.74 -23.20 -8.07
C THR B 134 -8.87 -22.51 -7.32
N THR B 135 -9.87 -22.03 -8.07
CA THR B 135 -10.99 -21.33 -7.48
C THR B 135 -12.27 -21.71 -8.18
N ASN B 136 -13.40 -21.40 -7.54
CA ASN B 136 -14.70 -21.50 -8.16
C ASN B 136 -15.22 -20.13 -8.61
N ALA B 137 -14.31 -19.16 -8.74
CA ALA B 137 -14.66 -17.80 -9.14
C ALA B 137 -14.36 -17.51 -10.60
N ASP B 138 -13.69 -18.42 -11.30
CA ASP B 138 -13.39 -18.25 -12.73
C ASP B 138 -12.56 -17.00 -12.99
N GLN B 139 -11.57 -16.75 -12.13
CA GLN B 139 -10.66 -15.64 -12.38
C GLN B 139 -9.94 -15.85 -13.70
N ALA B 140 -9.87 -14.80 -14.50
CA ALA B 140 -9.25 -14.88 -15.83
C ALA B 140 -8.47 -13.59 -16.11
N PRO B 141 -7.47 -13.28 -15.29
CA PRO B 141 -6.64 -12.09 -15.59
C PRO B 141 -5.95 -12.18 -16.94
N TYR B 142 -5.68 -13.40 -17.44
CA TYR B 142 -5.12 -13.52 -18.79
C TYR B 142 -6.08 -12.94 -19.82
N GLN B 143 -7.38 -13.23 -19.67
CA GLN B 143 -8.38 -12.65 -20.56
C GLN B 143 -8.74 -11.22 -20.17
N GLY B 144 -8.27 -10.74 -19.01
CA GLY B 144 -8.53 -9.37 -18.60
C GLY B 144 -9.75 -9.19 -17.74
N ARG B 145 -10.16 -10.20 -16.99
CA ARG B 145 -11.38 -10.13 -16.19
C ARG B 145 -11.16 -10.89 -14.88
N VAL B 146 -11.29 -10.20 -13.76
CA VAL B 146 -11.25 -10.82 -12.44
C VAL B 146 -12.41 -10.29 -11.61
N PHE B 147 -12.75 -11.04 -10.57
CA PHE B 147 -13.89 -10.73 -9.72
C PHE B 147 -13.43 -10.60 -8.27
N ALA B 148 -13.97 -9.59 -7.59
CA ALA B 148 -13.71 -9.37 -6.17
C ALA B 148 -15.03 -9.04 -5.50
N SER B 149 -15.04 -9.14 -4.17
CA SER B 149 -16.26 -8.91 -3.41
C SER B 149 -15.90 -8.43 -2.01
N VAL B 150 -16.89 -7.84 -1.33
CA VAL B 150 -16.75 -7.44 0.06
C VAL B 150 -18.11 -7.56 0.73
N THR B 151 -18.10 -8.12 1.93
CA THR B 151 -19.34 -8.25 2.69
C THR B 151 -19.97 -6.88 2.91
N ALA B 152 -21.28 -6.81 2.73
CA ALA B 152 -22.03 -5.58 2.91
C ALA B 152 -23.50 -5.91 3.05
N ALA B 153 -24.16 -5.26 4.02
CA ALA B 153 -25.57 -5.52 4.26
C ALA B 153 -26.45 -4.92 3.17
N ALA B 154 -25.99 -3.85 2.52
CA ALA B 154 -26.72 -3.24 1.42
C ALA B 154 -25.71 -2.64 0.45
N SER B 155 -26.20 -2.23 -0.71
CA SER B 155 -25.33 -1.65 -1.72
C SER B 155 -24.51 -0.51 -1.13
N LEU B 156 -23.24 -0.45 -1.52
CA LEU B 156 -22.40 0.69 -1.17
C LEU B 156 -22.59 1.86 -2.11
N ASP B 157 -23.43 1.73 -3.13
CA ASP B 157 -23.75 2.81 -4.06
C ASP B 157 -22.50 3.35 -4.71
N LEU B 158 -21.63 2.45 -5.16
CA LEU B 158 -20.38 2.82 -5.78
C LEU B 158 -20.57 3.19 -7.24
N VAL B 159 -19.78 4.14 -7.70
CA VAL B 159 -19.79 4.58 -9.09
C VAL B 159 -18.74 3.79 -9.85
N ASP B 160 -19.14 3.25 -11.00
CA ASP B 160 -18.20 2.56 -11.86
C ASP B 160 -17.13 3.53 -12.35
N GLY B 161 -15.90 3.04 -12.43
CA GLY B 161 -14.80 3.87 -12.85
C GLY B 161 -13.50 3.10 -12.77
N ARG B 162 -12.42 3.81 -13.08
CA ARG B 162 -11.11 3.19 -13.11
C ARG B 162 -10.50 3.13 -11.71
N VAL B 163 -9.71 2.08 -11.47
CA VAL B 163 -9.06 1.87 -10.19
C VAL B 163 -7.66 1.33 -10.43
N ARG B 164 -6.83 1.41 -9.39
CA ARG B 164 -5.59 0.65 -9.30
C ARG B 164 -5.64 -0.07 -7.96
N ALA B 165 -5.71 -1.40 -7.99
CA ALA B 165 -5.84 -2.20 -6.79
C ALA B 165 -4.45 -2.49 -6.23
N VAL B 166 -4.24 -2.12 -4.97
CA VAL B 166 -2.97 -2.34 -4.29
C VAL B 166 -3.19 -3.32 -3.16
N PRO B 167 -2.20 -4.13 -2.80
CA PRO B 167 -2.46 -5.25 -1.87
C PRO B 167 -2.42 -4.80 -0.43
N ARG B 168 -3.47 -5.16 0.32
CA ARG B 168 -3.56 -4.86 1.75
C ARG B 168 -3.05 -6.01 2.61
N SER B 169 -3.43 -7.25 2.29
CA SER B 169 -3.06 -8.39 3.10
C SER B 169 -3.24 -9.66 2.29
N ILE B 170 -2.67 -10.75 2.80
CA ILE B 170 -2.81 -12.06 2.17
C ILE B 170 -3.39 -13.03 3.21
N TYR B 171 -4.24 -13.92 2.73
CA TYR B 171 -4.92 -14.89 3.57
C TYR B 171 -4.75 -16.27 2.94
N GLY B 172 -4.14 -17.19 3.68
CA GLY B 172 -3.88 -18.51 3.15
C GLY B 172 -2.91 -18.50 1.99
N PHE B 173 -1.78 -17.82 2.18
CA PHE B 173 -0.80 -17.68 1.11
C PHE B 173 -0.27 -19.05 0.67
N GLN B 174 -0.11 -19.20 -0.64
CA GLN B 174 0.61 -20.32 -1.23
C GLN B 174 1.46 -19.80 -2.38
N ASP B 175 2.76 -20.11 -2.35
CA ASP B 175 3.68 -19.66 -3.39
C ASP B 175 3.55 -20.61 -4.59
N THR B 176 2.41 -20.50 -5.26
CA THR B 176 2.16 -21.20 -6.51
C THR B 176 1.28 -20.29 -7.35
N ILE B 177 1.47 -20.37 -8.67
CA ILE B 177 0.87 -19.39 -9.59
C ILE B 177 -0.64 -19.36 -9.41
N PRO B 178 -1.28 -18.21 -9.56
CA PRO B 178 -2.72 -18.11 -9.34
C PRO B 178 -3.50 -18.63 -10.55
N GLU B 179 -4.82 -18.52 -10.45
CA GLU B 179 -5.71 -18.88 -11.55
C GLU B 179 -5.64 -17.78 -12.59
N TYR B 180 -4.80 -17.99 -13.62
CA TYR B 180 -4.64 -16.98 -14.65
C TYR B 180 -5.73 -17.03 -15.71
N ASN B 181 -6.37 -18.17 -15.90
CA ASN B 181 -7.32 -18.31 -17.01
C ASN B 181 -8.34 -19.41 -16.71
N ASP B 182 -9.07 -19.27 -15.60
CA ASP B 182 -10.16 -20.17 -15.26
C ASP B 182 -9.71 -21.63 -15.28
N GLY B 183 -8.47 -21.88 -14.86
CA GLY B 183 -7.93 -23.21 -14.78
C GLY B 183 -7.11 -23.63 -15.98
N LEU B 184 -7.26 -22.94 -17.11
CA LEU B 184 -6.52 -23.28 -18.32
C LEU B 184 -5.09 -22.78 -18.24
N LEU B 185 -4.26 -23.28 -19.15
CA LEU B 185 -2.87 -22.86 -19.19
C LEU B 185 -2.74 -21.51 -19.89
N VAL B 186 -1.66 -20.81 -19.55
CA VAL B 186 -1.34 -19.52 -20.17
C VAL B 186 0.16 -19.46 -20.41
N PRO B 187 0.60 -18.52 -21.25
CA PRO B 187 2.04 -18.34 -21.44
C PRO B 187 2.72 -17.93 -20.14
N LEU B 188 3.70 -18.72 -19.73
CA LEU B 188 4.40 -18.51 -18.47
C LEU B 188 5.89 -18.37 -18.74
N ALA B 189 6.55 -17.55 -17.92
CA ALA B 189 8.00 -17.62 -17.86
C ALA B 189 8.38 -19.00 -17.33
N PRO B 190 9.46 -19.60 -17.83
CA PRO B 190 9.79 -20.97 -17.46
C PRO B 190 10.20 -21.07 -16.01
N PRO B 191 10.21 -22.27 -15.44
CA PRO B 191 10.70 -22.42 -14.06
C PRO B 191 12.14 -21.94 -13.96
N ILE B 192 12.52 -21.49 -12.77
CA ILE B 192 13.88 -21.00 -12.55
C ILE B 192 14.85 -22.18 -12.55
N GLY B 193 15.94 -22.05 -13.30
CA GLY B 193 16.89 -23.13 -13.47
C GLY B 193 17.42 -23.13 -14.89
N PRO B 194 18.26 -24.12 -15.24
CA PRO B 194 18.72 -25.21 -14.37
C PRO B 194 19.87 -24.82 -13.46
N PHE B 195 20.15 -25.66 -12.46
CA PHE B 195 21.27 -25.52 -11.57
C PHE B 195 22.24 -26.67 -11.76
N LEU B 196 23.52 -26.42 -11.48
CA LEU B 196 24.48 -27.50 -11.43
C LEU B 196 24.26 -28.32 -10.16
N PRO B 197 24.74 -29.56 -10.12
CA PRO B 197 24.72 -30.31 -8.86
C PRO B 197 25.39 -29.53 -7.75
N GLY B 198 24.72 -29.47 -6.59
CA GLY B 198 25.21 -28.71 -5.47
C GLY B 198 24.79 -27.25 -5.47
N GLU B 199 24.27 -26.74 -6.60
CA GLU B 199 23.83 -25.35 -6.67
C GLU B 199 22.38 -25.22 -6.25
N VAL B 200 22.07 -24.12 -5.55
CA VAL B 200 20.72 -23.84 -5.10
C VAL B 200 20.42 -22.36 -5.30
N LEU B 201 19.13 -22.06 -5.41
CA LEU B 201 18.68 -20.71 -5.71
C LEU B 201 18.95 -19.77 -4.53
N LEU B 202 19.53 -18.61 -4.83
CA LEU B 202 19.66 -17.54 -3.85
C LEU B 202 18.35 -16.77 -3.77
N ARG B 203 17.85 -16.55 -2.56
CA ARG B 203 16.52 -16.03 -2.33
C ARG B 203 16.59 -14.68 -1.63
N PHE B 204 15.91 -13.68 -2.20
CA PHE B 204 15.68 -12.40 -1.55
C PHE B 204 14.29 -12.44 -0.93
N ARG B 205 14.20 -12.23 0.38
CA ARG B 205 13.00 -12.54 1.13
C ARG B 205 12.41 -11.29 1.76
N THR B 206 11.09 -11.16 1.65
CA THR B 206 10.34 -10.20 2.44
C THR B 206 9.19 -10.90 3.14
N TYR B 207 8.33 -10.15 3.82
CA TYR B 207 7.21 -10.74 4.55
C TYR B 207 5.94 -9.95 4.23
N MET B 208 4.82 -10.68 4.18
CA MET B 208 3.57 -10.16 3.67
C MET B 208 2.61 -9.92 4.82
N ARG B 209 2.05 -8.71 4.89
CA ARG B 209 0.93 -8.46 5.79
C ARG B 209 -0.11 -9.55 5.63
N GLN B 210 -0.53 -10.13 6.75
CA GLN B 210 -1.27 -11.38 6.71
C GLN B 210 -2.47 -11.35 7.64
N ILE B 211 -3.53 -12.01 7.21
CA ILE B 211 -4.65 -12.37 8.07
C ILE B 211 -4.50 -13.84 8.42
N ASP B 212 -4.48 -14.15 9.72
CA ASP B 212 -4.39 -15.52 10.19
C ASP B 212 -5.04 -15.57 11.56
N THR B 213 -6.07 -16.40 11.72
CA THR B 213 -6.84 -16.42 12.96
C THR B 213 -6.18 -17.25 14.06
N ALA B 214 -5.09 -17.96 13.78
CA ALA B 214 -4.53 -18.89 14.76
C ALA B 214 -3.02 -18.78 14.91
N ASP B 215 -2.32 -18.40 13.85
CA ASP B 215 -0.86 -18.45 13.82
C ASP B 215 -0.28 -17.07 13.59
N ALA B 216 0.65 -16.66 14.45
CA ALA B 216 1.29 -15.35 14.33
C ALA B 216 2.57 -15.39 13.49
N ALA B 217 2.95 -16.55 12.96
CA ALA B 217 4.17 -16.67 12.19
C ALA B 217 4.10 -15.80 10.93
N ALA B 218 5.18 -15.07 10.67
CA ALA B 218 5.25 -14.21 9.50
C ALA B 218 5.25 -15.05 8.22
N GLU B 219 4.68 -14.47 7.17
CA GLU B 219 4.52 -15.15 5.88
C GLU B 219 5.65 -14.71 4.96
N ALA B 220 6.58 -15.62 4.69
CA ALA B 220 7.72 -15.31 3.85
C ALA B 220 7.37 -15.43 2.37
N ILE B 221 8.01 -14.61 1.55
CA ILE B 221 7.93 -14.72 0.10
C ILE B 221 9.27 -14.32 -0.48
N ASP B 222 9.74 -15.09 -1.46
CA ASP B 222 11.06 -14.92 -2.05
C ASP B 222 10.94 -14.45 -3.49
N CYS B 223 12.03 -13.86 -3.98
CA CYS B 223 12.17 -13.50 -5.38
C CYS B 223 13.63 -13.71 -5.79
N ALA B 224 13.85 -13.81 -7.10
CA ALA B 224 15.17 -14.14 -7.61
C ALA B 224 16.12 -12.95 -7.57
N LEU B 225 15.60 -11.74 -7.77
CA LEU B 225 16.41 -10.53 -7.73
C LEU B 225 15.57 -9.42 -7.13
N PRO B 226 16.17 -8.49 -6.39
CA PRO B 226 15.42 -7.30 -5.97
C PRO B 226 15.01 -6.49 -7.18
N GLN B 227 14.02 -5.62 -6.97
CA GLN B 227 13.46 -4.85 -8.08
C GLN B 227 14.48 -3.90 -8.67
N GLU B 228 15.36 -3.34 -7.83
CA GLU B 228 16.39 -2.45 -8.34
C GLU B 228 17.27 -3.16 -9.38
N PHE B 229 17.47 -4.47 -9.24
CA PHE B 229 18.26 -5.19 -10.22
C PHE B 229 17.47 -5.41 -11.50
N VAL B 230 16.16 -5.64 -11.36
CA VAL B 230 15.30 -5.78 -12.54
C VAL B 230 15.35 -4.52 -13.39
N SER B 231 15.10 -3.36 -12.78
CA SER B 231 15.13 -2.12 -13.53
C SER B 231 16.54 -1.82 -14.04
N TRP B 232 17.56 -2.19 -13.28
CA TRP B 232 18.94 -1.96 -13.72
C TRP B 232 19.20 -2.64 -15.06
N PHE B 233 18.79 -3.91 -15.19
CA PHE B 233 19.05 -4.65 -16.41
C PHE B 233 18.18 -4.16 -17.56
N ALA B 234 16.90 -3.88 -17.29
CA ALA B 234 16.02 -3.38 -18.33
C ALA B 234 16.53 -2.07 -18.91
N SER B 235 17.10 -1.21 -18.07
CA SER B 235 17.60 0.07 -18.55
C SER B 235 18.88 -0.09 -19.36
N ASN B 236 19.79 -0.95 -18.92
CA ASN B 236 21.13 -0.97 -19.51
C ASN B 236 21.20 -1.78 -20.80
N ALA B 237 20.40 -2.83 -20.93
CA ALA B 237 20.45 -3.71 -22.09
C ALA B 237 21.90 -4.10 -22.37
N PHE B 238 22.52 -4.76 -21.41
CA PHE B 238 23.88 -5.24 -21.55
C PHE B 238 23.96 -6.29 -22.64
N THR B 239 25.17 -6.45 -23.19
CA THR B 239 25.46 -7.55 -24.10
C THR B 239 25.97 -8.72 -23.27
N VAL B 240 25.26 -9.85 -23.37
CA VAL B 240 25.63 -11.03 -22.59
C VAL B 240 26.73 -11.78 -23.32
N GLN B 241 27.78 -12.15 -22.58
CA GLN B 241 28.97 -12.76 -23.16
C GLN B 241 29.05 -14.27 -22.95
N SER B 242 28.45 -14.78 -21.88
CA SER B 242 28.48 -16.23 -21.63
C SER B 242 27.23 -16.59 -20.83
N GLU B 243 27.25 -17.78 -20.21
CA GLU B 243 26.05 -18.30 -19.56
C GLU B 243 25.77 -17.66 -18.21
N ALA B 244 26.78 -17.11 -17.53
CA ALA B 244 26.57 -16.59 -16.20
C ALA B 244 27.63 -15.55 -15.88
N LEU B 245 27.35 -14.75 -14.87
CA LEU B 245 28.30 -13.81 -14.29
C LEU B 245 28.76 -14.33 -12.94
N LEU B 246 30.07 -14.31 -12.71
CA LEU B 246 30.62 -14.63 -11.40
C LEU B 246 30.52 -13.39 -10.52
N LEU B 247 29.76 -13.50 -9.43
CA LEU B 247 29.60 -12.41 -8.49
C LEU B 247 30.26 -12.77 -7.17
N ARG B 248 30.66 -11.73 -6.43
CA ARG B 248 31.12 -11.86 -5.06
C ARG B 248 30.25 -10.97 -4.17
N TYR B 249 29.85 -11.51 -3.03
CA TYR B 249 29.06 -10.78 -2.05
C TYR B 249 29.98 -10.45 -0.87
N ARG B 250 30.33 -9.17 -0.74
CA ARG B 250 31.28 -8.71 0.27
C ARG B 250 30.63 -7.71 1.21
N ASN B 251 31.18 -7.63 2.43
CA ASN B 251 30.96 -6.49 3.30
C ASN B 251 32.00 -5.44 2.94
N THR B 252 31.56 -4.32 2.36
CA THR B 252 32.50 -3.34 1.82
C THR B 252 33.14 -2.46 2.90
N LEU B 253 32.67 -2.53 4.14
CA LEU B 253 33.35 -1.79 5.20
C LEU B 253 34.53 -2.57 5.76
N THR B 254 34.46 -3.91 5.74
CA THR B 254 35.54 -4.76 6.20
C THR B 254 36.18 -5.58 5.08
N GLY B 255 35.63 -5.54 3.87
CA GLY B 255 36.16 -6.31 2.77
C GLY B 255 35.95 -7.80 2.86
N GLN B 256 35.28 -8.29 3.91
CA GLN B 256 35.10 -9.73 4.07
C GLN B 256 34.28 -10.30 2.93
N LEU B 257 34.79 -11.36 2.32
CA LEU B 257 34.06 -12.07 1.27
C LEU B 257 33.08 -13.04 1.92
N LEU B 258 31.78 -12.82 1.70
CA LEU B 258 30.76 -13.66 2.32
C LEU B 258 30.51 -14.92 1.50
N PHE B 259 30.52 -14.80 0.19
CA PHE B 259 30.43 -15.97 -0.69
C PHE B 259 30.55 -15.50 -2.13
N GLU B 260 30.85 -16.44 -3.01
CA GLU B 260 30.78 -16.22 -4.45
C GLU B 260 29.56 -16.95 -5.00
N CYS B 261 29.05 -16.44 -6.11
CA CYS B 261 27.83 -17.00 -6.70
C CYS B 261 27.85 -16.74 -8.19
N LYS B 262 26.92 -17.39 -8.88
CA LYS B 262 26.75 -17.26 -10.32
C LYS B 262 25.41 -16.64 -10.61
N LEU B 263 25.41 -15.49 -11.28
CA LEU B 263 24.19 -14.89 -11.81
C LEU B 263 24.04 -15.40 -13.23
N TYR B 264 23.20 -16.43 -13.40
CA TYR B 264 22.93 -16.91 -14.75
C TYR B 264 22.24 -15.84 -15.56
N ASN B 265 22.55 -15.78 -16.85
CA ASN B 265 22.01 -14.70 -17.66
C ASN B 265 20.49 -14.76 -17.75
N GLU B 266 19.87 -15.87 -17.34
CA GLU B 266 18.42 -15.96 -17.29
C GLU B 266 17.82 -15.26 -16.08
N GLY B 267 18.64 -14.69 -15.20
CA GLY B 267 18.16 -13.80 -14.17
C GLY B 267 18.00 -14.39 -12.78
N TYR B 268 18.75 -15.44 -12.45
CA TYR B 268 18.71 -16.02 -11.12
C TYR B 268 20.12 -16.30 -10.66
N ILE B 269 20.30 -16.31 -9.33
CA ILE B 269 21.61 -16.49 -8.72
C ILE B 269 21.67 -17.86 -8.08
N ALA B 270 22.79 -18.55 -8.26
CA ALA B 270 23.02 -19.85 -7.66
C ALA B 270 24.22 -19.77 -6.74
N LEU B 271 24.10 -20.38 -5.57
CA LEU B 271 25.22 -20.67 -4.68
C LEU B 271 25.41 -22.18 -4.62
N SER B 272 26.65 -22.60 -4.41
CA SER B 272 26.94 -24.00 -4.15
C SER B 272 26.77 -24.26 -2.66
N TYR B 273 25.77 -25.07 -2.32
CA TYR B 273 25.42 -25.31 -0.93
C TYR B 273 24.97 -26.75 -0.75
N SER B 274 25.53 -27.42 0.25
CA SER B 274 25.28 -28.83 0.48
C SER B 274 24.36 -29.11 1.66
N GLY B 275 24.29 -28.20 2.63
CA GLY B 275 23.43 -28.39 3.78
C GLY B 275 22.00 -28.72 3.39
N SER B 276 21.21 -29.17 4.36
CA SER B 276 19.81 -29.52 4.11
C SER B 276 18.84 -28.44 4.55
N GLY B 277 19.17 -27.68 5.58
CA GLY B 277 18.30 -26.64 6.09
C GLY B 277 18.72 -25.26 5.63
N PRO B 278 17.90 -24.27 5.92
CA PRO B 278 18.18 -22.92 5.42
C PRO B 278 19.51 -22.38 5.92
N LEU B 279 20.10 -21.49 5.13
CA LEU B 279 21.28 -20.75 5.54
C LEU B 279 21.06 -19.29 5.14
N THR B 280 20.94 -18.42 6.14
CA THR B 280 20.71 -17.00 5.90
C THR B 280 22.03 -16.25 5.84
N PHE B 281 22.00 -15.13 5.13
CA PHE B 281 23.19 -14.31 4.94
C PHE B 281 22.90 -12.88 5.39
N PRO B 282 23.91 -12.16 5.88
CA PRO B 282 23.70 -10.75 6.21
C PRO B 282 23.28 -9.96 4.98
N THR B 283 22.41 -8.98 5.19
CA THR B 283 21.80 -8.23 4.10
C THR B 283 22.47 -6.88 3.86
N ASP B 284 23.57 -6.60 4.55
CA ASP B 284 24.27 -5.33 4.41
C ASP B 284 25.53 -5.45 3.56
N GLY B 285 25.60 -6.46 2.69
CA GLY B 285 26.71 -6.63 1.79
C GLY B 285 26.42 -6.00 0.42
N ILE B 286 27.39 -6.18 -0.48
CA ILE B 286 27.32 -5.66 -1.83
C ILE B 286 27.70 -6.76 -2.81
N PHE B 287 26.88 -6.96 -3.83
CA PHE B 287 27.23 -7.84 -4.93
C PHE B 287 28.12 -7.10 -5.92
N GLU B 288 29.25 -7.70 -6.26
CA GLU B 288 30.18 -7.14 -7.23
C GLU B 288 30.39 -8.14 -8.35
N VAL B 289 30.42 -7.65 -9.58
CA VAL B 289 30.68 -8.48 -10.75
C VAL B 289 32.18 -8.73 -10.86
N VAL B 290 32.56 -9.98 -11.04
CA VAL B 290 33.96 -10.35 -11.25
C VAL B 290 34.24 -10.59 -12.72
N SER B 291 33.43 -11.42 -13.38
CA SER B 291 33.76 -11.86 -14.72
C SER B 291 32.60 -12.66 -15.30
N TRP B 292 32.70 -12.93 -16.60
CA TRP B 292 31.84 -13.91 -17.24
C TRP B 292 32.42 -15.30 -17.05
N VAL B 293 31.55 -16.27 -16.76
CA VAL B 293 31.99 -17.65 -16.61
C VAL B 293 31.05 -18.55 -17.41
N PRO B 294 31.51 -19.73 -17.79
CA PRO B 294 30.64 -20.68 -18.47
C PRO B 294 29.74 -21.42 -17.47
N ARG B 295 28.74 -22.10 -18.03
CA ARG B 295 27.73 -22.75 -17.20
C ARG B 295 28.37 -23.72 -16.21
N LEU B 296 29.41 -24.42 -16.62
CA LEU B 296 30.01 -25.47 -15.80
C LEU B 296 30.98 -24.93 -14.76
N TYR B 297 31.16 -23.62 -14.67
CA TYR B 297 32.04 -23.06 -13.65
C TYR B 297 31.59 -23.52 -12.27
N GLN B 298 32.53 -24.07 -11.50
CA GLN B 298 32.23 -24.70 -10.22
C GLN B 298 32.54 -23.72 -9.10
N LEU B 299 31.49 -23.28 -8.41
CA LEU B 299 31.63 -22.36 -7.29
C LEU B 299 32.18 -23.06 -6.06
N ALA B 300 32.84 -22.28 -5.21
CA ALA B 300 33.17 -22.75 -3.86
C ALA B 300 31.90 -22.75 -3.00
N SER B 301 31.77 -23.77 -2.18
CA SER B 301 30.56 -23.94 -1.40
C SER B 301 30.57 -23.03 -0.18
N VAL B 302 29.36 -22.71 0.30
CA VAL B 302 29.18 -21.98 1.53
C VAL B 302 28.83 -22.98 2.63
N GLY B 303 29.05 -22.57 3.88
CA GLY B 303 28.80 -23.38 5.07
C GLY B 303 28.11 -24.71 4.89
N GLU C 2 -34.08 -12.41 -2.21
CA GLU C 2 -33.30 -12.71 -0.98
C GLU C 2 -32.10 -13.59 -1.29
N ASP C 3 -31.31 -13.90 -0.25
CA ASP C 3 -30.09 -14.69 -0.35
C ASP C 3 -30.28 -15.91 -1.26
N PRO C 4 -29.42 -16.11 -2.26
CA PRO C 4 -29.61 -17.26 -3.16
C PRO C 4 -29.61 -18.60 -2.44
N VAL C 5 -28.75 -18.77 -1.43
CA VAL C 5 -28.63 -20.05 -0.73
C VAL C 5 -28.43 -19.79 0.74
N THR C 6 -29.13 -20.54 1.58
CA THR C 6 -29.02 -20.43 3.03
C THR C 6 -28.98 -21.81 3.63
N GLY C 7 -28.24 -21.94 4.73
CA GLY C 7 -28.21 -23.16 5.48
C GLY C 7 -28.10 -22.87 6.96
N PRO C 8 -27.77 -23.88 7.76
CA PRO C 8 -27.53 -23.64 9.19
C PRO C 8 -26.15 -23.06 9.42
N GLU C 9 -26.08 -22.05 10.28
CA GLU C 9 -24.79 -21.43 10.57
C GLU C 9 -23.86 -22.43 11.24
N GLU C 10 -24.40 -23.30 12.09
CA GLU C 10 -23.62 -24.35 12.73
C GLU C 10 -24.42 -25.64 12.76
N VAL C 11 -23.74 -26.75 12.52
CA VAL C 11 -24.31 -28.08 12.66
C VAL C 11 -23.34 -28.90 13.50
N SER C 12 -23.89 -29.85 14.25
CA SER C 12 -23.10 -30.68 15.14
C SER C 12 -23.31 -32.15 14.84
N GLY C 13 -22.29 -32.94 15.12
CA GLY C 13 -22.37 -34.38 15.00
C GLY C 13 -21.44 -35.02 16.00
N GLN C 14 -21.65 -36.32 16.18
CA GLN C 14 -20.83 -37.10 17.10
C GLN C 14 -19.81 -37.93 16.31
N GLU C 15 -18.64 -38.11 16.89
CA GLU C 15 -17.61 -38.91 16.25
C GLU C 15 -18.16 -40.29 15.92
N GLN C 16 -17.83 -40.80 14.74
CA GLN C 16 -18.33 -42.05 14.19
C GLN C 16 -19.82 -41.99 13.86
N GLY C 17 -20.50 -40.90 14.17
CA GLY C 17 -21.88 -40.71 13.79
C GLY C 17 -22.00 -40.01 12.45
N SER C 18 -23.17 -39.43 12.20
CA SER C 18 -23.41 -38.69 10.98
C SER C 18 -24.03 -37.34 11.32
N LEU C 19 -24.15 -36.50 10.30
CA LEU C 19 -24.88 -35.25 10.41
C LEU C 19 -25.48 -34.94 9.05
N THR C 20 -26.51 -34.10 9.05
CA THR C 20 -27.20 -33.70 7.84
C THR C 20 -27.33 -32.19 7.81
N VAL C 21 -27.22 -31.61 6.62
CA VAL C 21 -27.29 -30.17 6.43
C VAL C 21 -28.26 -29.91 5.29
N GLN C 22 -29.20 -28.98 5.51
CA GLN C 22 -30.17 -28.59 4.51
C GLN C 22 -29.75 -27.22 3.96
N CYS C 23 -29.40 -27.18 2.68
CA CYS C 23 -29.04 -25.95 2.00
C CYS C 23 -30.26 -25.49 1.20
N ARG C 24 -30.98 -24.51 1.74
CA ARG C 24 -32.16 -23.97 1.07
C ARG C 24 -31.75 -22.90 0.07
N TYR C 25 -32.40 -22.91 -1.09
CA TYR C 25 -32.10 -21.94 -2.14
C TYR C 25 -33.39 -21.50 -2.81
N THR C 26 -33.30 -20.45 -3.61
CA THR C 26 -34.46 -19.86 -4.24
C THR C 26 -34.70 -20.45 -5.63
N SER C 27 -35.96 -20.38 -6.06
CA SER C 27 -36.41 -21.14 -7.23
C SER C 27 -35.52 -20.96 -8.45
N GLY C 28 -34.97 -19.76 -8.63
CA GLY C 28 -34.21 -19.49 -9.83
C GLY C 28 -33.03 -20.41 -10.03
N TRP C 29 -32.44 -20.89 -8.93
CA TRP C 29 -31.26 -21.75 -8.99
C TRP C 29 -31.62 -23.23 -9.09
N LYS C 30 -32.85 -23.54 -9.51
CA LYS C 30 -33.28 -24.93 -9.61
C LYS C 30 -32.32 -25.75 -10.47
N ASP C 31 -32.05 -25.29 -11.69
CA ASP C 31 -31.30 -26.07 -12.67
C ASP C 31 -29.80 -25.77 -12.63
N TYR C 32 -29.26 -25.43 -11.46
CA TYR C 32 -27.83 -25.22 -11.29
C TYR C 32 -27.24 -26.36 -10.47
N LYS C 33 -25.97 -26.65 -10.73
CA LYS C 33 -25.25 -27.63 -9.92
C LYS C 33 -25.12 -27.14 -8.48
N LYS C 34 -25.35 -28.04 -7.54
CA LYS C 34 -25.18 -27.76 -6.12
C LYS C 34 -24.00 -28.57 -5.60
N TYR C 35 -23.26 -27.99 -4.64
CA TYR C 35 -22.10 -28.67 -4.11
C TYR C 35 -21.94 -28.39 -2.62
N TRP C 36 -21.16 -29.26 -1.99
CA TRP C 36 -20.74 -29.12 -0.59
C TRP C 36 -19.24 -28.94 -0.60
N CYS C 37 -18.77 -27.83 -0.06
CA CYS C 37 -17.37 -27.45 -0.12
C CYS C 37 -16.76 -27.44 1.27
N GLN C 38 -15.43 -27.53 1.33
CA GLN C 38 -14.71 -27.70 2.57
C GLN C 38 -13.50 -26.77 2.62
N GLY C 39 -13.42 -25.99 3.70
CA GLY C 39 -12.18 -25.30 4.03
C GLY C 39 -12.19 -23.83 3.68
N VAL C 40 -11.06 -23.19 3.98
CA VAL C 40 -10.84 -21.79 3.67
C VAL C 40 -9.43 -21.64 3.10
N PRO C 41 -9.18 -20.62 2.26
CA PRO C 41 -10.06 -19.55 1.77
C PRO C 41 -11.31 -20.05 1.05
N GLN C 42 -12.39 -19.27 1.20
CA GLN C 42 -13.72 -19.69 0.79
C GLN C 42 -13.74 -20.20 -0.65
N ARG C 43 -13.30 -19.37 -1.59
CA ARG C 43 -13.52 -19.64 -3.01
C ARG C 43 -12.38 -20.45 -3.64
N SER C 44 -11.46 -20.96 -2.82
CA SER C 44 -10.58 -22.05 -3.22
C SER C 44 -10.86 -23.32 -2.41
N CYS C 45 -12.07 -23.42 -1.85
CA CYS C 45 -12.43 -24.54 -1.01
C CYS C 45 -12.40 -25.84 -1.80
N LYS C 46 -12.32 -26.94 -1.07
CA LYS C 46 -12.25 -28.28 -1.64
C LYS C 46 -13.67 -28.82 -1.83
N THR C 47 -14.06 -29.07 -3.07
CA THR C 47 -15.37 -29.62 -3.36
C THR C 47 -15.41 -31.11 -2.97
N LEU C 48 -16.35 -31.46 -2.09
CA LEU C 48 -16.46 -32.84 -1.62
C LEU C 48 -17.47 -33.65 -2.44
N VAL C 49 -18.60 -33.05 -2.79
CA VAL C 49 -19.57 -33.67 -3.68
C VAL C 49 -20.26 -32.56 -4.46
N GLU C 50 -20.76 -32.92 -5.64
CA GLU C 50 -21.47 -31.96 -6.47
C GLU C 50 -22.51 -32.71 -7.30
N THR C 51 -23.68 -32.08 -7.46
CA THR C 51 -24.71 -32.64 -8.32
C THR C 51 -24.46 -32.24 -9.76
N ASP C 52 -25.19 -32.88 -10.67
CA ASP C 52 -25.17 -32.53 -12.09
C ASP C 52 -26.37 -31.69 -12.50
N ALA C 53 -26.96 -30.97 -11.54
CA ALA C 53 -28.14 -30.12 -11.73
C ALA C 53 -29.43 -30.92 -11.81
N SER C 54 -29.39 -32.23 -11.54
CA SER C 54 -30.58 -33.05 -11.44
C SER C 54 -30.86 -33.37 -9.98
N GLU C 55 -31.88 -34.20 -9.76
CA GLU C 55 -32.22 -34.65 -8.41
C GLU C 55 -31.50 -35.95 -8.05
N GLN C 56 -30.59 -36.42 -8.89
CA GLN C 56 -29.91 -37.67 -8.63
C GLN C 56 -28.97 -37.53 -7.43
N LEU C 57 -29.10 -38.44 -6.47
CA LEU C 57 -28.20 -38.45 -5.34
C LEU C 57 -26.77 -38.74 -5.80
N VAL C 58 -25.82 -37.97 -5.28
CA VAL C 58 -24.40 -38.21 -5.53
C VAL C 58 -23.74 -38.53 -4.19
N LYS C 59 -22.77 -39.43 -4.22
CA LYS C 59 -21.99 -39.77 -3.05
C LYS C 59 -20.53 -39.90 -3.43
N LYS C 60 -19.65 -39.34 -2.60
CA LYS C 60 -18.22 -39.48 -2.77
C LYS C 60 -17.63 -39.67 -1.38
N ASN C 61 -17.07 -40.85 -1.12
CA ASN C 61 -16.47 -41.19 0.18
C ASN C 61 -17.57 -41.12 1.22
N ARG C 62 -17.46 -40.27 2.24
CA ARG C 62 -18.40 -40.25 3.36
C ARG C 62 -19.45 -39.15 3.23
N VAL C 63 -19.54 -38.49 2.08
CA VAL C 63 -20.41 -37.35 1.89
C VAL C 63 -21.34 -37.64 0.73
N SER C 64 -22.63 -37.31 0.91
CA SER C 64 -23.63 -37.48 -0.13
C SER C 64 -24.46 -36.20 -0.24
N ILE C 65 -25.01 -35.98 -1.43
CA ILE C 65 -25.79 -34.78 -1.71
C ILE C 65 -26.96 -35.17 -2.61
N ARG C 66 -28.13 -34.61 -2.32
CA ARG C 66 -29.31 -34.82 -3.15
C ARG C 66 -30.08 -33.51 -3.22
N ASP C 67 -30.37 -33.06 -4.43
CA ASP C 67 -31.07 -31.80 -4.67
C ASP C 67 -32.56 -32.06 -4.81
N ASN C 68 -33.35 -31.48 -3.91
CA ASN C 68 -34.81 -31.52 -4.00
C ASN C 68 -35.26 -30.26 -4.76
N GLN C 69 -35.68 -30.44 -6.00
CA GLN C 69 -36.02 -29.31 -6.87
C GLN C 69 -37.49 -28.96 -6.85
N ARG C 70 -38.31 -29.68 -6.09
CA ARG C 70 -39.65 -29.18 -5.78
C ARG C 70 -39.59 -28.16 -4.65
N ASP C 71 -38.98 -28.55 -3.52
CA ASP C 71 -38.85 -27.67 -2.37
C ASP C 71 -37.64 -26.76 -2.44
N PHE C 72 -36.74 -26.97 -3.41
CA PHE C 72 -35.55 -26.13 -3.58
C PHE C 72 -34.65 -26.21 -2.35
N ILE C 73 -34.32 -27.44 -1.96
CA ILE C 73 -33.42 -27.73 -0.85
C ILE C 73 -32.54 -28.90 -1.28
N PHE C 74 -31.23 -28.70 -1.31
CA PHE C 74 -30.32 -29.81 -1.51
C PHE C 74 -29.70 -30.18 -0.18
N THR C 75 -29.76 -31.47 0.14
CA THR C 75 -29.41 -32.00 1.45
C THR C 75 -28.06 -32.69 1.38
N VAL C 76 -27.22 -32.42 2.37
CA VAL C 76 -25.89 -33.00 2.46
C VAL C 76 -25.82 -33.86 3.70
N THR C 77 -25.20 -35.04 3.57
CA THR C 77 -24.96 -35.93 4.69
C THR C 77 -23.46 -36.21 4.78
N MET C 78 -22.96 -36.22 6.02
CA MET C 78 -21.59 -36.61 6.31
C MET C 78 -21.65 -37.76 7.31
N GLU C 79 -21.08 -38.90 6.93
CA GLU C 79 -21.12 -40.12 7.72
C GLU C 79 -19.74 -40.42 8.28
N ASP C 80 -19.70 -41.33 9.26
CA ASP C 80 -18.46 -41.73 9.91
C ASP C 80 -17.66 -40.49 10.33
N LEU C 81 -18.33 -39.60 11.07
CA LEU C 81 -17.73 -38.33 11.43
C LEU C 81 -16.44 -38.54 12.22
N ARG C 82 -15.35 -37.97 11.72
CA ARG C 82 -14.07 -37.95 12.41
C ARG C 82 -13.86 -36.60 13.07
N MET C 83 -12.96 -36.59 14.05
CA MET C 83 -12.61 -35.32 14.69
C MET C 83 -12.02 -34.34 13.70
N SER C 84 -11.29 -34.84 12.70
CA SER C 84 -10.69 -34.00 11.68
C SER C 84 -11.72 -33.36 10.76
N ASP C 85 -12.97 -33.80 10.79
CA ASP C 85 -13.99 -33.24 9.92
C ASP C 85 -14.49 -31.89 10.41
N ALA C 86 -14.23 -31.54 11.67
CA ALA C 86 -14.67 -30.23 12.18
C ALA C 86 -13.98 -29.11 11.41
N GLY C 87 -14.71 -28.03 11.20
CA GLY C 87 -14.18 -26.87 10.53
C GLY C 87 -15.26 -26.21 9.70
N ILE C 88 -14.82 -25.50 8.66
CA ILE C 88 -15.69 -24.65 7.86
C ILE C 88 -16.04 -25.37 6.57
N TYR C 89 -17.33 -25.38 6.24
CA TYR C 89 -17.84 -25.92 4.99
C TYR C 89 -18.76 -24.89 4.35
N TRP C 90 -19.22 -25.20 3.14
CA TRP C 90 -20.03 -24.26 2.37
C TRP C 90 -21.09 -24.99 1.55
N CYS C 91 -22.35 -24.57 1.71
CA CYS C 91 -23.36 -24.81 0.68
C CYS C 91 -22.98 -23.99 -0.54
N GLY C 92 -23.10 -24.59 -1.72
CA GLY C 92 -22.59 -23.97 -2.93
C GLY C 92 -23.50 -24.21 -4.11
N ILE C 93 -23.57 -23.20 -4.98
CA ILE C 93 -24.24 -23.26 -6.28
C ILE C 93 -23.23 -22.80 -7.31
N THR C 94 -23.00 -23.62 -8.33
CA THR C 94 -22.02 -23.31 -9.37
C THR C 94 -22.63 -22.35 -10.39
N LYS C 95 -21.95 -21.24 -10.64
CA LYS C 95 -22.28 -20.35 -11.73
C LYS C 95 -21.01 -19.67 -12.22
N GLY C 96 -21.13 -18.99 -13.35
CA GLY C 96 -20.02 -18.18 -13.84
C GLY C 96 -19.69 -17.08 -12.86
N GLY C 97 -18.41 -16.91 -12.56
CA GLY C 97 -17.99 -15.90 -11.59
C GLY C 97 -18.16 -16.36 -10.16
N LEU C 98 -18.58 -15.44 -9.29
CA LEU C 98 -18.68 -15.74 -7.87
C LEU C 98 -19.89 -16.63 -7.60
N ASP C 99 -19.63 -17.81 -7.03
CA ASP C 99 -20.69 -18.74 -6.70
C ASP C 99 -21.48 -18.25 -5.49
N PRO C 100 -22.81 -18.37 -5.49
CA PRO C 100 -23.55 -18.27 -4.23
C PRO C 100 -23.07 -19.33 -3.26
N MET C 101 -22.77 -18.91 -2.03
CA MET C 101 -22.20 -19.81 -1.04
C MET C 101 -22.71 -19.41 0.34
N PHE C 102 -22.96 -20.41 1.19
CA PHE C 102 -23.35 -20.16 2.57
C PHE C 102 -22.40 -20.91 3.50
N LYS C 103 -21.88 -20.18 4.49
CA LYS C 103 -20.89 -20.72 5.42
C LYS C 103 -21.57 -21.59 6.46
N VAL C 104 -21.12 -22.83 6.59
CA VAL C 104 -21.60 -23.75 7.63
C VAL C 104 -20.39 -24.19 8.43
N THR C 105 -20.42 -23.95 9.74
CA THR C 105 -19.39 -24.44 10.64
C THR C 105 -19.82 -25.79 11.20
N VAL C 106 -18.96 -26.79 11.04
CA VAL C 106 -19.23 -28.14 11.52
C VAL C 106 -18.44 -28.35 12.80
N ASN C 107 -19.15 -28.74 13.87
CA ASN C 107 -18.54 -29.11 15.13
C ASN C 107 -18.79 -30.57 15.40
N ILE C 108 -17.81 -31.24 16.01
CA ILE C 108 -17.88 -32.67 16.25
C ILE C 108 -17.40 -32.95 17.67
N GLY C 109 -18.27 -33.55 18.48
CA GLY C 109 -17.91 -33.98 19.80
C GLY C 109 -17.71 -35.49 19.86
N PRO C 110 -16.94 -35.97 20.84
CA PRO C 110 -16.63 -37.41 20.93
C PRO C 110 -17.87 -38.28 21.05
N MET D 1 -19.95 10.20 33.90
CA MET D 1 -19.62 10.10 32.45
C MET D 1 -18.45 9.14 32.23
N GLU D 2 -18.35 8.57 31.04
CA GLU D 2 -17.26 7.68 30.67
C GLU D 2 -16.31 8.33 29.67
N ASP D 3 -16.82 8.79 28.54
CA ASP D 3 -15.97 9.51 27.59
C ASP D 3 -15.39 10.75 28.27
N PRO D 4 -14.16 11.14 27.91
CA PRO D 4 -13.53 12.28 28.61
C PRO D 4 -14.28 13.58 28.44
N VAL D 5 -14.83 13.84 27.25
CA VAL D 5 -15.51 15.10 26.97
C VAL D 5 -16.62 14.85 25.97
N THR D 6 -17.77 15.48 26.21
CA THR D 6 -18.91 15.39 25.31
C THR D 6 -19.60 16.75 25.25
N GLY D 7 -20.33 16.98 24.17
CA GLY D 7 -21.06 18.21 23.99
C GLY D 7 -22.21 18.01 23.04
N PRO D 8 -22.80 19.11 22.55
CA PRO D 8 -23.89 18.99 21.58
C PRO D 8 -23.35 18.47 20.25
N GLU D 9 -23.98 17.41 19.76
CA GLU D 9 -23.58 16.85 18.48
C GLU D 9 -23.75 17.87 17.36
N GLU D 10 -24.86 18.61 17.37
CA GLU D 10 -25.16 19.61 16.35
C GLU D 10 -25.85 20.79 16.99
N VAL D 11 -25.46 21.99 16.57
CA VAL D 11 -26.08 23.23 17.01
C VAL D 11 -26.32 24.12 15.79
N SER D 12 -27.38 24.90 15.83
CA SER D 12 -27.72 25.84 14.76
C SER D 12 -27.85 27.23 15.34
N GLY D 13 -27.17 28.19 14.71
CA GLY D 13 -27.31 29.59 15.04
C GLY D 13 -27.70 30.39 13.81
N GLN D 14 -27.83 31.71 14.02
CA GLN D 14 -28.30 32.59 12.98
C GLN D 14 -27.43 33.84 12.91
N GLU D 15 -27.35 34.42 11.72
CA GLU D 15 -26.55 35.62 11.51
C GLU D 15 -26.85 36.67 12.56
N GLN D 16 -25.79 37.24 13.13
CA GLN D 16 -25.81 38.34 14.08
C GLN D 16 -26.25 37.87 15.47
N GLY D 17 -26.76 36.65 15.61
CA GLY D 17 -27.07 36.10 16.92
C GLY D 17 -25.85 35.47 17.55
N SER D 18 -26.10 34.65 18.56
CA SER D 18 -25.03 33.94 19.25
C SER D 18 -25.46 32.50 19.47
N LEU D 19 -24.53 31.68 19.95
CA LEU D 19 -24.86 30.34 20.41
C LEU D 19 -23.86 29.95 21.48
N THR D 20 -24.25 28.98 22.30
CA THR D 20 -23.48 28.56 23.45
C THR D 20 -23.32 27.05 23.39
N VAL D 21 -22.10 26.56 23.60
CA VAL D 21 -21.78 25.15 23.59
C VAL D 21 -21.26 24.76 24.96
N GLN D 22 -21.84 23.73 25.54
CA GLN D 22 -21.42 23.20 26.82
C GLN D 22 -20.61 21.94 26.58
N CYS D 23 -19.33 21.98 26.94
CA CYS D 23 -18.43 20.84 26.78
C CYS D 23 -18.27 20.20 28.16
N ARG D 24 -19.01 19.12 28.40
CA ARG D 24 -18.94 18.41 29.67
C ARG D 24 -17.77 17.43 29.66
N TYR D 25 -17.08 17.33 30.79
CA TYR D 25 -15.92 16.46 30.88
C TYR D 25 -15.88 15.79 32.25
N THR D 26 -15.14 14.69 32.33
CA THR D 26 -14.99 13.95 33.56
C THR D 26 -14.02 14.64 34.51
N SER D 27 -14.23 14.42 35.81
CA SER D 27 -13.52 15.19 36.83
C SER D 27 -12.01 15.06 36.71
N GLY D 28 -11.51 13.96 36.16
CA GLY D 28 -10.09 13.76 36.07
C GLY D 28 -9.36 14.82 35.27
N TRP D 29 -10.06 15.42 34.31
CA TRP D 29 -9.48 16.45 33.45
C TRP D 29 -9.71 17.85 33.99
N LYS D 30 -9.93 17.99 35.29
CA LYS D 30 -10.23 19.30 35.87
C LYS D 30 -9.11 20.30 35.59
N ASP D 31 -7.86 19.91 35.82
CA ASP D 31 -6.74 20.84 35.78
C ASP D 31 -6.04 20.90 34.43
N TYR D 32 -6.70 20.44 33.37
CA TYR D 32 -6.15 20.53 32.02
C TYR D 32 -6.72 21.74 31.31
N LYS D 33 -5.94 22.28 30.37
CA LYS D 33 -6.44 23.36 29.54
C LYS D 33 -7.61 22.87 28.70
N LYS D 34 -8.64 23.70 28.58
CA LYS D 34 -9.76 23.44 27.69
C LYS D 34 -9.67 24.39 26.50
N TYR D 35 -10.22 23.96 25.36
CA TYR D 35 -10.13 24.80 24.18
C TYR D 35 -11.28 24.49 23.22
N TRP D 36 -11.47 25.40 22.28
CA TRP D 36 -12.49 25.33 21.24
C TRP D 36 -11.76 25.41 19.91
N CYS D 37 -11.98 24.41 19.06
CA CYS D 37 -11.19 24.24 17.83
C CYS D 37 -12.11 24.26 16.62
N GLN D 38 -11.54 24.61 15.48
CA GLN D 38 -12.30 24.77 14.25
C GLN D 38 -11.64 24.01 13.11
N GLY D 39 -12.42 23.22 12.40
CA GLY D 39 -12.03 22.69 11.10
C GLY D 39 -11.69 21.20 11.16
N VAL D 40 -11.55 20.64 9.96
CA VAL D 40 -11.05 19.29 9.77
C VAL D 40 -9.90 19.33 8.76
N PRO D 41 -8.96 18.37 8.83
CA PRO D 41 -8.84 17.23 9.74
C PRO D 41 -8.82 17.60 11.22
N GLN D 42 -9.33 16.66 12.04
CA GLN D 42 -9.60 16.93 13.45
C GLN D 42 -8.40 17.53 14.16
N ARG D 43 -7.26 16.82 14.13
CA ARG D 43 -6.14 17.16 15.01
C ARG D 43 -5.19 18.18 14.41
N SER D 44 -5.53 18.77 13.26
CA SER D 44 -4.85 19.96 12.76
C SER D 44 -5.76 21.18 12.80
N CYS D 45 -6.82 21.12 13.60
CA CYS D 45 -7.81 22.18 13.65
C CYS D 45 -7.22 23.45 14.26
N LYS D 46 -7.85 24.58 13.92
CA LYS D 46 -7.41 25.89 14.39
C LYS D 46 -8.01 26.16 15.75
N THR D 47 -7.16 26.31 16.77
CA THR D 47 -7.63 26.66 18.10
C THR D 47 -8.10 28.12 18.12
N LEU D 48 -9.36 28.33 18.49
CA LEU D 48 -9.93 29.67 18.52
C LEU D 48 -9.80 30.33 19.90
N VAL D 49 -9.94 29.54 20.97
CA VAL D 49 -9.73 30.03 22.33
C VAL D 49 -9.23 28.87 23.18
N GLU D 50 -8.41 29.18 24.18
N GLU D 50 -8.41 29.19 24.18
CA GLU D 50 -7.86 28.18 25.07
CA GLU D 50 -7.84 28.19 25.08
C GLU D 50 -7.72 28.77 26.47
C GLU D 50 -7.73 28.79 26.47
N THR D 51 -8.05 27.97 27.47
CA THR D 51 -7.91 28.38 28.86
C THR D 51 -6.50 28.09 29.35
N ASP D 52 -6.17 28.66 30.50
CA ASP D 52 -4.90 28.40 31.18
C ASP D 52 -5.05 27.37 32.29
N ALA D 53 -6.00 26.44 32.15
CA ALA D 53 -6.32 25.41 33.14
C ALA D 53 -7.00 25.97 34.37
N SER D 54 -7.36 27.26 34.38
CA SER D 54 -8.06 27.87 35.49
C SER D 54 -9.53 28.06 35.10
N GLU D 55 -10.26 28.83 35.91
CA GLU D 55 -11.64 29.16 35.63
C GLU D 55 -11.79 30.55 35.03
N GLN D 56 -10.69 31.25 34.75
CA GLN D 56 -10.76 32.57 34.17
C GLN D 56 -11.39 32.52 32.79
N LEU D 57 -12.33 33.42 32.53
CA LEU D 57 -12.89 33.56 31.20
C LEU D 57 -11.83 34.08 30.24
N VAL D 58 -11.79 33.49 29.04
CA VAL D 58 -10.93 33.97 27.96
C VAL D 58 -11.81 34.30 26.78
N LYS D 59 -11.52 35.44 26.14
CA LYS D 59 -12.25 35.87 24.96
C LYS D 59 -11.24 36.25 23.88
N LYS D 60 -11.47 35.75 22.67
CA LYS D 60 -10.63 36.05 21.52
C LYS D 60 -11.53 36.29 20.33
N ASN D 61 -11.47 37.49 19.76
CA ASN D 61 -12.35 37.87 18.66
C ASN D 61 -13.78 37.72 19.14
N ARG D 62 -14.59 36.84 18.56
CA ARG D 62 -16.00 36.69 18.91
C ARG D 62 -16.28 35.40 19.68
N VAL D 63 -15.26 34.80 20.28
CA VAL D 63 -15.39 33.50 20.92
C VAL D 63 -14.91 33.61 22.36
N SER D 64 -15.68 33.06 23.29
CA SER D 64 -15.33 33.04 24.70
C SER D 64 -15.35 31.60 25.20
N ILE D 65 -14.60 31.35 26.27
CA ILE D 65 -14.55 30.03 26.90
C ILE D 65 -14.31 30.22 28.38
N ARG D 66 -15.09 29.52 29.20
CA ARG D 66 -14.98 29.59 30.65
C ARG D 66 -15.11 28.19 31.23
N ASP D 67 -14.13 27.79 32.03
CA ASP D 67 -14.11 26.44 32.60
C ASP D 67 -14.76 26.44 33.97
N ASN D 68 -15.86 25.71 34.11
CA ASN D 68 -16.47 25.45 35.41
C ASN D 68 -15.87 24.16 35.96
N GLN D 69 -14.90 24.30 36.86
CA GLN D 69 -14.19 23.16 37.42
C GLN D 69 -14.88 22.58 38.66
N ARG D 70 -16.06 23.08 39.01
CA ARG D 70 -16.90 22.45 40.01
C ARG D 70 -17.87 21.46 39.36
N ASP D 71 -18.62 21.92 38.36
CA ASP D 71 -19.50 21.06 37.59
C ASP D 71 -18.79 20.36 36.43
N PHE D 72 -17.51 20.67 36.20
CA PHE D 72 -16.72 20.05 35.14
C PHE D 72 -17.37 20.26 33.78
N ILE D 73 -17.58 21.54 33.46
CA ILE D 73 -18.12 21.97 32.18
C ILE D 73 -17.39 23.25 31.79
N PHE D 74 -16.83 23.27 30.58
CA PHE D 74 -16.31 24.52 30.02
C PHE D 74 -17.25 24.94 28.90
N THR D 75 -17.76 26.16 29.01
CA THR D 75 -18.78 26.68 28.12
C THR D 75 -18.14 27.59 27.10
N VAL D 76 -18.56 27.46 25.84
CA VAL D 76 -18.04 28.25 24.73
C VAL D 76 -19.18 29.10 24.18
N THR D 77 -18.87 30.35 23.87
CA THR D 77 -19.84 31.26 23.30
C THR D 77 -19.28 31.83 22.00
N MET D 78 -20.08 31.78 20.94
CA MET D 78 -19.76 32.42 19.68
C MET D 78 -20.79 33.52 19.44
N GLU D 79 -20.32 34.75 19.35
CA GLU D 79 -21.18 35.92 19.23
C GLU D 79 -21.15 36.47 17.82
N ASP D 80 -22.15 37.30 17.51
CA ASP D 80 -22.25 38.01 16.24
C ASP D 80 -21.91 37.07 15.08
N LEU D 81 -22.70 35.98 15.03
CA LEU D 81 -22.41 34.89 14.11
C LEU D 81 -22.46 35.35 12.66
N ARG D 82 -21.62 34.73 11.84
CA ARG D 82 -21.60 34.95 10.40
C ARG D 82 -21.80 33.62 9.70
N MET D 83 -22.26 33.69 8.45
CA MET D 83 -22.41 32.48 7.65
C MET D 83 -21.09 31.70 7.56
N SER D 84 -19.96 32.40 7.53
CA SER D 84 -18.66 31.75 7.40
C SER D 84 -18.26 31.01 8.67
N ASP D 85 -18.99 31.19 9.77
CA ASP D 85 -18.72 30.47 11.01
C ASP D 85 -19.22 29.03 10.98
N ALA D 86 -20.07 28.69 10.02
CA ALA D 86 -20.56 27.32 9.93
C ALA D 86 -19.41 26.37 9.63
N GLY D 87 -19.52 25.15 10.14
CA GLY D 87 -18.51 24.14 9.92
C GLY D 87 -18.39 23.25 11.14
N ILE D 88 -17.29 22.50 11.17
CA ILE D 88 -17.03 21.51 12.21
C ILE D 88 -16.13 22.14 13.25
N TYR D 89 -16.50 21.97 14.52
CA TYR D 89 -15.74 22.47 15.65
C TYR D 89 -15.50 21.33 16.62
N TRP D 90 -14.70 21.60 17.64
CA TRP D 90 -14.27 20.57 18.58
C TRP D 90 -14.18 21.14 19.99
N CYS D 91 -14.88 20.52 20.92
CA CYS D 91 -14.52 20.63 22.33
C CYS D 91 -13.19 19.92 22.54
N GLY D 92 -12.29 20.54 23.31
CA GLY D 92 -10.95 20.00 23.42
C GLY D 92 -10.32 20.11 24.80
N ILE D 93 -9.54 19.08 25.15
CA ILE D 93 -8.75 19.07 26.38
C ILE D 93 -7.30 18.83 25.97
N THR D 94 -6.43 19.77 26.29
CA THR D 94 -5.04 19.68 25.88
C THR D 94 -4.29 18.69 26.75
N LYS D 95 -3.50 17.82 26.10
CA LYS D 95 -2.59 16.94 26.82
C LYS D 95 -1.54 16.47 25.83
N GLY D 96 -0.50 15.85 26.37
CA GLY D 96 0.54 15.27 25.54
C GLY D 96 -0.03 14.21 24.63
N GLY D 97 0.29 14.29 23.34
CA GLY D 97 -0.22 13.34 22.38
C GLY D 97 -1.62 13.66 21.91
N LEU D 98 -2.48 12.65 21.84
CA LEU D 98 -3.81 12.80 21.28
C LEU D 98 -4.74 13.41 22.33
N ASP D 99 -5.31 14.58 22.00
CA ASP D 99 -6.23 15.26 22.90
C ASP D 99 -7.59 14.57 22.91
N PRO D 100 -8.27 14.55 24.04
CA PRO D 100 -9.71 14.26 24.03
C PRO D 100 -10.45 15.36 23.27
N MET D 101 -11.32 14.94 22.36
CA MET D 101 -12.03 15.89 21.51
C MET D 101 -13.42 15.35 21.21
N PHE D 102 -14.38 16.27 21.11
CA PHE D 102 -15.75 15.93 20.74
C PHE D 102 -16.19 16.82 19.60
N LYS D 103 -16.73 16.21 18.55
CA LYS D 103 -17.09 16.93 17.34
C LYS D 103 -18.42 17.66 17.53
N VAL D 104 -18.42 18.96 17.25
CA VAL D 104 -19.62 19.78 17.29
C VAL D 104 -19.80 20.38 15.89
N THR D 105 -20.89 20.01 15.23
CA THR D 105 -21.24 20.58 13.94
C THR D 105 -22.09 21.83 14.15
N VAL D 106 -21.65 22.95 13.56
CA VAL D 106 -22.29 24.24 13.73
C VAL D 106 -22.92 24.63 12.40
N ASN D 107 -24.25 24.78 12.40
CA ASN D 107 -24.98 25.30 11.26
C ASN D 107 -25.30 26.77 11.51
N ILE D 108 -25.16 27.59 10.47
CA ILE D 108 -25.53 29.00 10.54
C ILE D 108 -26.45 29.29 9.37
N GLY D 109 -27.55 30.00 9.64
CA GLY D 109 -28.44 30.43 8.59
C GLY D 109 -28.85 31.87 8.78
N PRO D 110 -29.44 32.47 7.75
CA PRO D 110 -30.04 33.79 7.91
C PRO D 110 -31.30 33.72 8.77
N VAL D 111 -31.63 34.86 9.36
CA VAL D 111 -32.87 34.99 10.11
C VAL D 111 -34.03 34.95 9.12
N PRO D 112 -34.98 34.01 9.24
CA PRO D 112 -36.09 33.97 8.28
C PRO D 112 -37.08 35.09 8.51
N THR D 113 -38.27 34.96 7.92
CA THR D 113 -39.34 35.94 8.08
C THR D 113 -40.67 35.24 8.33
#